data_4XUI
#
_entry.id   4XUI
#
_cell.length_a   101.200
_cell.length_b   101.200
_cell.length_c   64.900
_cell.angle_alpha   90.00
_cell.angle_beta   90.00
_cell.angle_gamma   120.00
#
_symmetry.space_group_name_H-M   'P 32'
#
loop_
_entity.id
_entity.type
_entity.pdbx_description
1 polymer Cruzipain
2 non-polymer N-[(2S)-5-(carbamimidamidooxy)-1-oxo-1-{[(1E,3S)-5-phenyl-1-(pyrimidin-2-ylsulfonyl)pent-1-en-3-yl]amino}pentan-2-yl]-4-methylpiperazine-1-carboxamide
3 non-polymer 1,2-ETHANEDIOL
4 water water
#
_entity_poly.entity_id   1
_entity_poly.type   'polypeptide(L)'
_entity_poly.pdbx_seq_one_letter_code
;GAPAAVDWRARGAVTAVKDQGQCGSCWAFSAIGNVECQWFLAGHPLTNLSEQMLVSCDKTDSGCSGGLMNNAFEWIVQEN
NGAVYTEDSYPYASGEGISPPCTTSGHTVGATITGHVELPQDEAQIAAWLAVNGPVAVAVDASSWMTYTGGVMTSCVSEQ
LDHGVLLVGYNDSAAVPYWIIKNSWTTQWGEEGYIRIAKGSNQCLVKEEASSAVVG
;
_entity_poly.pdbx_strand_id   A,B,C
#
# COMPACT_ATOMS: atom_id res chain seq x y z
N ALA A 2 21.56 -7.86 5.56
CA ALA A 2 20.76 -7.97 6.77
C ALA A 2 21.64 -7.99 8.00
N PRO A 3 21.10 -7.51 9.13
CA PRO A 3 21.83 -7.56 10.39
C PRO A 3 22.23 -8.99 10.69
N ALA A 4 23.30 -9.15 11.44
CA ALA A 4 23.81 -10.48 11.73
C ALA A 4 22.92 -11.22 12.73
N ALA A 5 22.11 -10.47 13.47
CA ALA A 5 21.23 -11.07 14.49
C ALA A 5 20.04 -10.18 14.80
N VAL A 6 18.90 -10.80 15.08
CA VAL A 6 17.68 -10.09 15.42
C VAL A 6 16.96 -10.88 16.51
N ASP A 7 16.46 -10.19 17.53
CA ASP A 7 15.51 -10.82 18.46
C ASP A 7 14.42 -9.84 18.90
N TRP A 8 13.29 -9.85 18.22
CA TRP A 8 12.26 -8.86 18.43
C TRP A 8 11.72 -8.78 19.85
N ARG A 9 12.12 -9.74 20.66
CA ARG A 9 11.71 -9.82 22.05
C ARG A 9 12.39 -8.77 22.89
N ALA A 10 13.63 -8.44 22.51
CA ALA A 10 14.47 -7.51 23.26
C ALA A 10 13.99 -6.10 23.10
N ARG A 11 13.22 -5.88 22.05
CA ARG A 11 12.55 -4.61 21.83
C ARG A 11 11.14 -4.71 22.41
N GLY A 12 10.88 -5.84 23.07
CA GLY A 12 9.64 -6.08 23.79
C GLY A 12 8.42 -6.33 22.92
N ALA A 13 8.65 -6.77 21.69
CA ALA A 13 7.57 -6.82 20.69
C ALA A 13 6.68 -8.05 20.82
N VAL A 14 7.17 -9.02 21.58
CA VAL A 14 6.60 -10.36 21.63
C VAL A 14 5.90 -10.58 22.97
N THR A 15 4.72 -11.18 22.96
CA THR A 15 3.99 -11.39 24.22
C THR A 15 4.51 -12.62 24.92
N ALA A 16 4.09 -12.76 26.17
CA ALA A 16 4.43 -13.92 26.99
C ALA A 16 4.08 -15.22 26.28
N VAL A 17 4.90 -16.25 26.48
CA VAL A 17 4.68 -17.56 25.90
C VAL A 17 3.44 -18.27 26.44
N LYS A 18 2.52 -18.66 25.56
CA LYS A 18 1.21 -19.15 26.00
C LYS A 18 1.14 -20.67 26.24
N ASP A 19 -0.06 -21.23 26.18
CA ASP A 19 -0.27 -22.67 26.37
C ASP A 19 -1.53 -23.12 25.63
N GLN A 20 -1.33 -23.93 24.60
CA GLN A 20 -2.43 -24.27 23.74
C GLN A 20 -3.28 -25.39 24.29
N GLY A 21 -2.79 -26.06 25.31
CA GLY A 21 -3.56 -27.11 25.93
C GLY A 21 -3.57 -28.32 25.03
N GLN A 22 -4.32 -29.33 25.41
CA GLN A 22 -4.37 -30.55 24.64
C GLN A 22 -5.30 -30.34 23.46
N CYS A 23 -4.93 -29.35 22.64
CA CYS A 23 -5.77 -28.81 21.59
C CYS A 23 -4.90 -28.31 20.44
N GLY A 24 -5.11 -28.89 19.27
CA GLY A 24 -4.40 -28.48 18.07
C GLY A 24 -4.89 -27.15 17.56
N SER A 25 -4.62 -26.12 18.36
CA SER A 25 -4.96 -24.76 18.04
C SER A 25 -3.70 -23.93 17.78
N CYS A 26 -2.59 -24.60 17.48
CA CYS A 26 -1.31 -23.95 17.32
C CYS A 26 -1.33 -22.99 16.13
N TRP A 27 -2.19 -23.24 15.18
CA TRP A 27 -2.30 -22.38 14.01
C TRP A 27 -2.85 -21.03 14.43
N ALA A 28 -3.68 -21.09 15.46
CA ALA A 28 -4.27 -19.92 16.08
C ALA A 28 -3.24 -19.18 16.91
N PHE A 29 -2.44 -19.92 17.68
CA PHE A 29 -1.43 -19.28 18.49
C PHE A 29 -0.38 -18.61 17.63
N SER A 30 0.10 -19.32 16.62
CA SER A 30 0.97 -18.73 15.61
C SER A 30 0.40 -17.44 15.06
N ALA A 31 -0.82 -17.54 14.48
CA ALA A 31 -1.36 -16.37 13.82
C ALA A 31 -1.49 -15.18 14.79
N ILE A 32 -2.22 -15.39 15.88
CA ILE A 32 -2.44 -14.38 16.88
C ILE A 32 -1.12 -13.78 17.36
N GLY A 33 -0.09 -14.59 17.57
CA GLY A 33 1.22 -14.08 17.97
C GLY A 33 1.81 -13.14 16.94
N ASN A 34 1.71 -13.54 15.68
CA ASN A 34 2.09 -12.62 14.62
C ASN A 34 1.31 -11.31 14.70
N VAL A 35 0.03 -11.38 15.04
CA VAL A 35 -0.79 -10.17 15.07
C VAL A 35 -0.41 -9.26 16.22
N GLU A 36 -0.23 -9.85 17.39
CA GLU A 36 0.19 -9.16 18.58
C GLU A 36 1.46 -8.40 18.24
N CYS A 37 2.36 -9.07 17.52
CA CYS A 37 3.61 -8.42 17.14
C CYS A 37 3.48 -7.34 16.03
N GLN A 38 2.58 -7.53 15.08
CA GLN A 38 2.50 -6.58 13.98
C GLN A 38 1.77 -5.35 14.44
N TRP A 39 1.00 -5.54 15.52
CA TRP A 39 0.19 -4.49 16.10
C TRP A 39 0.97 -3.67 17.09
N PHE A 40 1.88 -4.32 17.81
CA PHE A 40 2.79 -3.60 18.67
C PHE A 40 3.63 -2.64 17.82
N LEU A 41 4.37 -3.21 16.89
CA LEU A 41 5.32 -2.47 16.07
C LEU A 41 4.66 -1.37 15.27
N ALA A 42 3.35 -1.40 15.19
CA ALA A 42 2.61 -0.39 14.42
C ALA A 42 2.40 0.86 15.24
N GLY A 43 3.00 0.90 16.43
CA GLY A 43 2.99 2.10 17.25
C GLY A 43 2.03 1.98 18.40
N HIS A 44 1.42 0.80 18.52
CA HIS A 44 0.37 0.59 19.48
C HIS A 44 0.89 -0.22 20.65
N PRO A 45 0.12 -0.29 21.73
CA PRO A 45 0.77 -0.90 22.89
C PRO A 45 0.68 -2.41 22.80
N LEU A 46 1.54 -3.10 23.54
CA LEU A 46 1.54 -4.54 23.55
C LEU A 46 0.27 -5.06 24.20
N THR A 47 -0.54 -5.74 23.40
CA THR A 47 -1.87 -6.17 23.83
C THR A 47 -2.02 -7.65 23.60
N ASN A 48 -2.50 -8.40 24.59
CA ASN A 48 -2.70 -9.83 24.36
C ASN A 48 -4.02 -10.06 23.65
N LEU A 49 -3.91 -10.75 22.53
CA LEU A 49 -5.04 -10.98 21.66
C LEU A 49 -5.52 -12.42 21.79
N SER A 50 -6.66 -12.70 21.18
CA SER A 50 -7.37 -13.93 21.48
C SER A 50 -7.29 -14.94 20.36
N GLU A 51 -6.79 -16.12 20.71
CA GLU A 51 -6.80 -17.29 19.85
C GLU A 51 -8.19 -17.93 19.91
N GLN A 52 -8.90 -17.70 21.00
CA GLN A 52 -10.19 -18.35 21.12
C GLN A 52 -11.12 -17.86 20.05
N MET A 53 -10.97 -16.61 19.64
CA MET A 53 -11.79 -16.05 18.58
C MET A 53 -11.63 -16.92 17.36
N LEU A 54 -10.39 -17.14 16.98
CA LEU A 54 -10.09 -17.99 15.85
C LEU A 54 -10.64 -19.39 16.01
N VAL A 55 -10.33 -20.02 17.13
CA VAL A 55 -10.66 -21.43 17.29
C VAL A 55 -12.17 -21.62 17.19
N SER A 56 -12.91 -20.78 17.90
CA SER A 56 -14.34 -20.98 18.00
C SER A 56 -15.10 -20.45 16.78
N CYS A 57 -14.62 -19.36 16.20
CA CYS A 57 -15.38 -18.64 15.17
C CYS A 57 -14.90 -18.87 13.74
N ASP A 58 -13.59 -19.03 13.56
CA ASP A 58 -13.05 -19.23 12.21
C ASP A 58 -13.51 -20.59 11.71
N LYS A 59 -14.54 -20.59 10.86
CA LYS A 59 -15.06 -21.84 10.31
C LYS A 59 -14.30 -22.24 9.06
N THR A 60 -13.37 -21.41 8.62
CA THR A 60 -12.59 -21.72 7.42
C THR A 60 -11.45 -22.64 7.79
N ASP A 61 -11.34 -22.89 9.09
CA ASP A 61 -10.32 -23.75 9.65
C ASP A 61 -11.02 -24.62 10.68
N SER A 62 -10.28 -25.51 11.33
CA SER A 62 -10.89 -26.62 12.04
C SER A 62 -10.65 -26.68 13.53
N GLY A 63 -10.55 -25.52 14.18
CA GLY A 63 -10.53 -25.45 15.63
C GLY A 63 -9.46 -26.29 16.28
N CYS A 64 -9.87 -27.14 17.21
CA CYS A 64 -8.91 -27.94 17.95
C CYS A 64 -8.32 -29.03 17.09
N SER A 65 -8.93 -29.26 15.92
CA SER A 65 -8.39 -30.26 14.99
C SER A 65 -7.26 -29.71 14.13
N GLY A 66 -7.09 -28.40 14.12
CA GLY A 66 -6.01 -27.79 13.37
C GLY A 66 -6.44 -26.81 12.28
N GLY A 67 -5.46 -26.23 11.59
CA GLY A 67 -5.77 -25.26 10.57
C GLY A 67 -4.56 -24.54 10.02
N LEU A 68 -4.82 -23.54 9.17
CA LEU A 68 -3.75 -22.75 8.57
C LEU A 68 -3.73 -21.37 9.17
N MET A 69 -2.60 -20.67 8.99
CA MET A 69 -2.46 -19.30 9.45
C MET A 69 -2.94 -18.35 8.37
N ASN A 70 -2.67 -18.71 7.11
CA ASN A 70 -3.09 -17.86 6.01
C ASN A 70 -4.59 -17.71 6.02
N ASN A 71 -5.27 -18.81 6.31
CA ASN A 71 -6.73 -18.79 6.41
C ASN A 71 -7.18 -18.00 7.62
N ALA A 72 -6.40 -18.04 8.68
CA ALA A 72 -6.78 -17.30 9.89
C ALA A 72 -6.82 -15.82 9.57
N PHE A 73 -5.70 -15.33 9.04
CA PHE A 73 -5.59 -13.95 8.60
C PHE A 73 -6.71 -13.57 7.65
N GLU A 74 -6.85 -14.38 6.61
CA GLU A 74 -7.90 -14.15 5.60
C GLU A 74 -9.24 -13.94 6.27
N TRP A 75 -9.62 -14.87 7.13
CA TRP A 75 -10.91 -14.85 7.82
C TRP A 75 -11.07 -13.60 8.66
N ILE A 76 -10.06 -13.29 9.47
CA ILE A 76 -10.08 -12.10 10.31
C ILE A 76 -10.41 -10.89 9.50
N VAL A 77 -9.76 -10.75 8.35
CA VAL A 77 -9.97 -9.55 7.57
C VAL A 77 -11.33 -9.56 6.86
N GLN A 78 -11.75 -10.70 6.35
CA GLN A 78 -12.96 -10.75 5.55
C GLN A 78 -14.23 -10.81 6.37
N GLU A 79 -14.35 -11.86 7.15
CA GLU A 79 -15.53 -12.04 7.96
CA GLU A 79 -15.52 -12.05 7.98
C GLU A 79 -15.54 -11.08 9.15
N ASN A 80 -14.39 -10.86 9.75
CA ASN A 80 -14.34 -10.00 10.94
C ASN A 80 -13.90 -8.57 10.69
N ASN A 81 -13.94 -8.15 9.43
CA ASN A 81 -13.64 -6.77 9.04
C ASN A 81 -12.29 -6.27 9.58
N GLY A 82 -11.35 -7.19 9.78
CA GLY A 82 -10.01 -6.82 10.20
C GLY A 82 -9.84 -6.83 11.71
N ALA A 83 -10.96 -6.86 12.43
CA ALA A 83 -10.96 -6.75 13.88
C ALA A 83 -10.53 -8.03 14.60
N VAL A 84 -9.56 -7.89 15.50
CA VAL A 84 -9.15 -8.97 16.40
C VAL A 84 -9.37 -8.56 17.85
N TYR A 85 -10.05 -9.42 18.62
CA TYR A 85 -10.44 -9.09 19.98
C TYR A 85 -9.29 -9.20 20.96
N THR A 86 -9.45 -8.54 22.10
CA THR A 86 -8.48 -8.67 23.16
C THR A 86 -8.61 -10.10 23.65
N GLU A 87 -7.56 -10.62 24.27
CA GLU A 87 -7.67 -11.95 24.87
C GLU A 87 -8.53 -11.89 26.12
N ASP A 88 -8.44 -10.79 26.86
CA ASP A 88 -9.07 -10.65 28.17
C ASP A 88 -10.57 -10.76 28.05
N SER A 89 -11.09 -10.30 26.91
CA SER A 89 -12.51 -10.31 26.64
C SER A 89 -12.98 -11.43 25.69
N TYR A 90 -12.07 -12.28 25.25
CA TYR A 90 -12.45 -13.53 24.58
C TYR A 90 -11.44 -14.59 24.93
N PRO A 91 -11.40 -14.98 26.21
CA PRO A 91 -10.27 -15.75 26.73
C PRO A 91 -10.30 -17.18 26.23
N TYR A 92 -9.16 -17.85 26.35
CA TYR A 92 -9.00 -19.22 25.87
C TYR A 92 -9.67 -20.22 26.78
N ALA A 93 -10.55 -21.02 26.20
CA ALA A 93 -11.31 -21.99 26.98
C ALA A 93 -11.28 -23.32 26.28
N SER A 94 -10.18 -23.60 25.60
CA SER A 94 -10.07 -24.83 24.86
C SER A 94 -8.87 -25.66 25.28
N GLY A 95 -8.49 -25.58 26.55
CA GLY A 95 -7.38 -26.37 27.05
C GLY A 95 -7.64 -27.86 27.19
N GLU A 96 -8.76 -28.34 26.65
CA GLU A 96 -9.10 -29.74 26.80
C GLU A 96 -9.60 -30.33 25.52
N GLY A 97 -9.01 -29.92 24.40
CA GLY A 97 -9.34 -30.45 23.09
C GLY A 97 -10.79 -30.24 22.66
N ILE A 98 -11.52 -29.47 23.46
CA ILE A 98 -12.87 -29.11 23.12
C ILE A 98 -12.93 -27.61 23.06
N SER A 99 -13.42 -27.10 21.93
CA SER A 99 -13.52 -25.67 21.73
C SER A 99 -14.97 -25.22 21.87
N PRO A 100 -15.18 -24.20 22.71
CA PRO A 100 -16.49 -23.57 22.90
C PRO A 100 -17.06 -23.10 21.58
N PRO A 101 -18.38 -23.02 21.49
CA PRO A 101 -18.95 -22.45 20.25
C PRO A 101 -18.66 -20.94 20.13
N CYS A 102 -19.11 -20.33 19.05
CA CYS A 102 -18.88 -18.91 18.84
C CYS A 102 -19.82 -18.00 19.63
N THR A 103 -19.24 -16.95 20.20
CA THR A 103 -19.99 -15.92 20.92
C THR A 103 -19.66 -14.56 20.29
N THR A 104 -20.63 -13.65 20.28
CA THR A 104 -20.49 -12.41 19.53
C THR A 104 -20.61 -11.18 20.42
N SER A 105 -21.07 -11.37 21.64
CA SER A 105 -21.08 -10.28 22.61
C SER A 105 -20.03 -10.53 23.69
N GLY A 106 -19.73 -9.52 24.49
CA GLY A 106 -18.87 -9.68 25.65
C GLY A 106 -17.41 -9.29 25.46
N HIS A 107 -17.03 -8.97 24.22
CA HIS A 107 -15.63 -8.84 23.87
C HIS A 107 -15.22 -7.39 23.61
N THR A 108 -13.93 -7.20 23.32
CA THR A 108 -13.37 -5.88 23.03
C THR A 108 -12.28 -5.96 21.96
N VAL A 109 -12.40 -5.15 20.90
CA VAL A 109 -11.43 -5.15 19.81
C VAL A 109 -10.06 -4.63 20.24
N GLY A 110 -9.03 -5.45 20.03
CA GLY A 110 -7.69 -5.12 20.47
C GLY A 110 -6.74 -4.80 19.34
N ALA A 111 -7.08 -5.17 18.11
CA ALA A 111 -6.24 -4.77 16.96
C ALA A 111 -6.97 -4.81 15.62
N THR A 112 -6.30 -4.26 14.61
CA THR A 112 -6.80 -4.18 13.25
C THR A 112 -5.71 -4.66 12.29
N ILE A 113 -6.10 -5.49 11.33
CA ILE A 113 -5.22 -5.86 10.23
C ILE A 113 -6.07 -5.74 8.97
N THR A 114 -5.43 -5.54 7.84
CA THR A 114 -6.19 -5.26 6.63
C THR A 114 -5.88 -6.33 5.60
N GLY A 115 -4.91 -7.16 5.93
CA GLY A 115 -4.49 -8.22 5.05
C GLY A 115 -3.33 -8.99 5.64
N HIS A 116 -2.65 -9.77 4.80
CA HIS A 116 -1.46 -10.46 5.25
C HIS A 116 -0.59 -10.61 4.02
N VAL A 117 0.70 -10.90 4.22
CA VAL A 117 1.59 -11.23 3.12
C VAL A 117 2.13 -12.64 3.23
N GLU A 118 2.39 -13.24 2.08
CA GLU A 118 2.93 -14.58 1.99
C GLU A 118 4.36 -14.60 1.44
N LEU A 119 5.28 -15.05 2.29
CA LEU A 119 6.71 -14.88 2.06
C LEU A 119 7.35 -15.90 1.11
N PRO A 120 8.40 -15.48 0.41
CA PRO A 120 9.16 -16.37 -0.48
C PRO A 120 9.67 -17.55 0.26
N GLN A 121 9.60 -18.75 -0.33
CA GLN A 121 10.18 -19.93 0.27
C GLN A 121 11.70 -19.87 0.29
N ASP A 122 12.21 -18.85 0.97
CA ASP A 122 13.60 -18.52 0.96
C ASP A 122 13.99 -18.02 2.33
N GLU A 123 14.84 -18.78 3.01
CA GLU A 123 15.21 -18.48 4.38
C GLU A 123 15.81 -17.08 4.53
N ALA A 124 16.66 -16.68 3.60
CA ALA A 124 17.34 -15.41 3.69
C ALA A 124 16.39 -14.23 3.54
N GLN A 125 15.43 -14.36 2.63
CA GLN A 125 14.49 -13.27 2.42
C GLN A 125 13.51 -13.19 3.58
N ILE A 126 13.11 -14.36 4.05
CA ILE A 126 12.31 -14.45 5.26
C ILE A 126 13.02 -13.72 6.41
N ALA A 127 14.31 -13.96 6.55
CA ALA A 127 15.13 -13.30 7.56
C ALA A 127 15.19 -11.78 7.39
N ALA A 128 15.72 -11.31 6.27
CA ALA A 128 15.73 -9.89 5.92
C ALA A 128 14.40 -9.17 6.22
N TRP A 129 13.33 -9.65 5.58
CA TRP A 129 11.96 -9.22 5.90
C TRP A 129 11.77 -9.17 7.41
N LEU A 130 12.03 -10.27 8.11
CA LEU A 130 11.82 -10.31 9.55
C LEU A 130 12.60 -9.22 10.31
N ALA A 131 13.75 -8.82 9.77
CA ALA A 131 14.51 -7.74 10.37
C ALA A 131 13.80 -6.43 10.16
N VAL A 132 13.21 -6.26 8.99
CA VAL A 132 12.58 -5.00 8.66
C VAL A 132 11.14 -4.84 9.23
N ASN A 133 10.39 -5.94 9.32
CA ASN A 133 8.96 -5.89 9.62
C ASN A 133 8.57 -6.63 10.88
N GLY A 134 9.40 -7.58 11.30
CA GLY A 134 9.15 -8.27 12.55
C GLY A 134 8.80 -9.74 12.46
N PRO A 135 8.29 -10.29 13.55
CA PRO A 135 7.92 -11.70 13.74
C PRO A 135 6.96 -12.29 12.71
N VAL A 136 7.32 -13.47 12.23
CA VAL A 136 6.60 -14.17 11.16
C VAL A 136 5.96 -15.49 11.62
N ALA A 137 4.67 -15.65 11.36
CA ALA A 137 4.04 -16.95 11.46
C ALA A 137 4.70 -17.95 10.53
N VAL A 138 5.02 -19.13 11.03
CA VAL A 138 5.57 -20.18 10.19
C VAL A 138 5.02 -21.56 10.52
N ALA A 139 4.80 -22.33 9.47
CA ALA A 139 4.38 -23.71 9.58
C ALA A 139 5.65 -24.52 9.64
N VAL A 140 5.61 -25.64 10.34
CA VAL A 140 6.83 -26.44 10.51
C VAL A 140 6.53 -27.90 10.68
N ASP A 141 7.54 -28.73 10.42
CA ASP A 141 7.56 -30.10 10.95
C ASP A 141 8.13 -30.10 12.37
N ALA A 142 7.26 -30.36 13.34
CA ALA A 142 7.66 -30.48 14.74
C ALA A 142 7.78 -31.94 15.21
N SER A 143 8.08 -32.86 14.31
CA SER A 143 8.09 -34.26 14.72
C SER A 143 9.24 -34.55 15.70
N SER A 144 10.43 -34.05 15.43
CA SER A 144 11.52 -34.32 16.37
C SER A 144 11.50 -33.41 17.60
N TRP A 145 10.43 -32.61 17.74
CA TRP A 145 10.41 -31.52 18.73
C TRP A 145 10.06 -31.88 20.15
N MET A 146 9.41 -33.02 20.36
CA MET A 146 8.89 -33.34 21.68
C MET A 146 9.99 -33.86 22.57
N THR A 147 11.18 -33.94 21.99
CA THR A 147 12.37 -34.42 22.69
C THR A 147 13.39 -33.29 22.84
N TYR A 148 13.01 -32.08 22.45
CA TYR A 148 13.90 -30.90 22.55
C TYR A 148 13.92 -30.27 23.93
N THR A 149 15.11 -30.23 24.50
CA THR A 149 15.32 -29.65 25.82
C THR A 149 16.04 -28.30 25.71
N GLY A 150 16.85 -28.15 24.66
CA GLY A 150 17.62 -26.94 24.53
C GLY A 150 18.74 -27.03 23.52
N GLY A 151 19.20 -25.87 23.07
CA GLY A 151 20.30 -25.76 22.13
C GLY A 151 19.83 -25.46 20.72
N VAL A 152 20.76 -25.47 19.79
CA VAL A 152 20.42 -25.39 18.38
C VAL A 152 20.20 -26.81 17.88
N MET A 153 18.94 -27.21 17.81
CA MET A 153 18.58 -28.47 17.17
C MET A 153 18.96 -28.41 15.70
N THR A 154 19.72 -29.41 15.25
CA THR A 154 20.29 -29.40 13.91
C THR A 154 19.96 -30.65 13.12
N SER A 155 19.17 -31.53 13.72
CA SER A 155 18.85 -32.78 13.04
C SER A 155 17.35 -32.97 13.00
N CYS A 156 16.68 -32.00 12.40
CA CYS A 156 15.23 -31.96 12.33
C CYS A 156 14.68 -32.97 11.35
N VAL A 157 13.69 -33.74 11.78
CA VAL A 157 12.88 -34.46 10.81
C VAL A 157 12.14 -33.39 10.00
N SER A 158 12.28 -33.41 8.68
CA SER A 158 11.65 -32.39 7.85
C SER A 158 10.93 -32.98 6.65
N GLU A 159 9.68 -33.42 6.84
CA GLU A 159 8.96 -34.11 5.77
C GLU A 159 7.49 -33.69 5.62
N GLN A 160 6.82 -33.47 6.74
CA GLN A 160 5.45 -33.00 6.67
C GLN A 160 5.27 -31.89 7.68
N LEU A 161 4.56 -30.83 7.27
CA LEU A 161 4.27 -29.70 8.13
C LEU A 161 3.12 -30.01 9.08
N ASP A 162 3.36 -29.87 10.38
CA ASP A 162 2.39 -30.32 11.40
C ASP A 162 2.07 -29.28 12.47
N HIS A 163 2.83 -28.19 12.49
CA HIS A 163 2.78 -27.25 13.59
C HIS A 163 2.73 -25.80 13.09
N GLY A 164 2.25 -24.89 13.94
CA GLY A 164 2.26 -23.46 13.65
C GLY A 164 2.89 -22.64 14.78
N VAL A 165 4.05 -22.04 14.50
CA VAL A 165 4.77 -21.30 15.53
C VAL A 165 5.19 -19.90 15.06
N LEU A 166 5.99 -19.22 15.86
CA LEU A 166 6.38 -17.87 15.45
C LEU A 166 7.88 -17.67 15.41
N LEU A 167 8.36 -17.19 14.28
CA LEU A 167 9.73 -16.72 14.16
C LEU A 167 9.84 -15.33 14.79
N VAL A 168 10.63 -15.21 15.83
CA VAL A 168 10.76 -13.91 16.47
C VAL A 168 12.13 -13.32 16.15
N GLY A 169 13.04 -14.16 15.70
CA GLY A 169 14.35 -13.67 15.29
C GLY A 169 15.29 -14.77 14.84
N TYR A 170 16.54 -14.38 14.65
CA TYR A 170 17.61 -15.30 14.24
C TYR A 170 18.95 -14.79 14.70
N ASN A 171 19.97 -15.54 14.29
CA ASN A 171 21.35 -15.20 14.52
C ASN A 171 22.15 -15.78 13.36
N ASP A 172 23.07 -15.01 12.77
CA ASP A 172 23.89 -15.54 11.68
C ASP A 172 25.35 -15.58 12.00
N SER A 173 25.72 -14.95 13.13
CA SER A 173 27.13 -14.86 13.52
C SER A 173 27.56 -16.14 14.19
N ALA A 174 26.57 -16.87 14.69
CA ALA A 174 26.77 -18.01 15.56
C ALA A 174 27.52 -19.11 14.83
N ALA A 175 28.04 -20.09 15.58
CA ALA A 175 28.71 -21.24 14.98
C ALA A 175 27.73 -21.97 14.08
N VAL A 176 26.62 -22.42 14.65
CA VAL A 176 25.51 -22.88 13.85
C VAL A 176 24.48 -21.78 13.81
N PRO A 177 24.34 -21.10 12.66
CA PRO A 177 23.31 -20.10 12.42
C PRO A 177 21.95 -20.63 12.85
N TYR A 178 21.10 -19.80 13.43
CA TYR A 178 19.83 -20.34 13.86
C TYR A 178 18.64 -19.39 13.73
N TRP A 179 17.46 -19.97 13.84
CA TRP A 179 16.22 -19.24 13.92
C TRP A 179 15.87 -19.18 15.37
N ILE A 180 14.98 -18.27 15.74
CA ILE A 180 14.55 -18.15 17.12
C ILE A 180 13.03 -18.24 17.18
N ILE A 181 12.53 -19.25 17.88
CA ILE A 181 11.17 -19.66 17.63
C ILE A 181 10.28 -19.76 18.85
N LYS A 182 9.27 -18.92 18.89
CA LYS A 182 8.22 -18.99 19.88
C LYS A 182 7.31 -20.16 19.63
N ASN A 183 7.11 -20.91 20.70
CA ASN A 183 6.28 -22.10 20.76
C ASN A 183 5.09 -21.84 21.69
N SER A 184 3.97 -22.54 21.47
CA SER A 184 2.77 -22.30 22.25
C SER A 184 2.57 -23.38 23.28
N TRP A 185 3.62 -24.16 23.47
CA TRP A 185 3.64 -25.15 24.52
C TRP A 185 4.35 -24.35 25.56
N THR A 186 4.11 -24.64 26.83
CA THR A 186 4.37 -23.68 27.93
C THR A 186 5.82 -23.15 27.95
N THR A 187 6.15 -22.28 28.91
CA THR A 187 7.54 -21.88 29.03
C THR A 187 8.33 -23.00 29.68
N GLN A 188 7.62 -24.01 30.18
CA GLN A 188 8.22 -25.20 30.77
C GLN A 188 8.75 -26.15 29.69
N TRP A 189 8.45 -25.82 28.44
CA TRP A 189 9.03 -26.52 27.28
C TRP A 189 10.25 -25.79 26.70
N GLY A 190 11.11 -26.53 26.00
CA GLY A 190 12.22 -25.97 25.26
C GLY A 190 13.10 -25.00 26.01
N GLU A 191 13.51 -23.94 25.34
CA GLU A 191 14.29 -22.91 25.99
C GLU A 191 13.33 -21.81 26.49
N GLU A 192 12.75 -22.07 27.66
CA GLU A 192 11.76 -21.21 28.32
C GLU A 192 10.53 -20.93 27.45
N GLY A 193 10.14 -21.93 26.67
CA GLY A 193 9.02 -21.78 25.77
C GLY A 193 9.47 -21.60 24.34
N TYR A 194 10.77 -21.39 24.15
CA TYR A 194 11.32 -21.17 22.81
C TYR A 194 12.20 -22.33 22.35
N ILE A 195 12.39 -22.40 21.03
CA ILE A 195 13.36 -23.30 20.44
C ILE A 195 14.20 -22.60 19.38
N ARG A 196 15.49 -22.88 19.37
CA ARG A 196 16.32 -22.51 18.25
C ARG A 196 16.62 -23.73 17.41
N ILE A 197 16.47 -23.58 16.11
CA ILE A 197 16.85 -24.62 15.16
C ILE A 197 17.82 -24.00 14.19
N ALA A 198 18.47 -24.80 13.35
CA ALA A 198 19.46 -24.28 12.44
C ALA A 198 18.86 -23.49 11.29
N LYS A 199 19.53 -22.40 10.97
CA LYS A 199 19.15 -21.54 9.89
C LYS A 199 20.06 -21.85 8.73
N GLY A 200 19.49 -22.13 7.56
CA GLY A 200 20.28 -22.26 6.36
C GLY A 200 20.04 -23.53 5.55
N SER A 201 19.32 -24.49 6.14
CA SER A 201 19.16 -25.79 5.48
C SER A 201 17.69 -26.21 5.34
N ASN A 202 16.80 -25.25 5.50
CA ASN A 202 15.37 -25.51 5.61
C ASN A 202 15.12 -26.59 6.61
N GLN A 203 15.66 -26.41 7.80
CA GLN A 203 15.33 -27.29 8.91
C GLN A 203 13.86 -27.23 9.11
N CYS A 204 13.25 -28.39 9.30
CA CYS A 204 11.85 -28.47 9.68
C CYS A 204 10.92 -27.79 8.67
N LEU A 205 11.40 -27.61 7.44
CA LEU A 205 10.60 -27.04 6.35
C LEU A 205 10.10 -25.65 6.73
N VAL A 206 10.95 -24.88 7.38
CA VAL A 206 10.54 -23.62 7.96
C VAL A 206 10.40 -22.54 6.87
N LYS A 207 11.05 -22.75 5.73
CA LYS A 207 10.99 -21.77 4.66
C LYS A 207 9.70 -21.95 3.85
N GLU A 208 8.95 -23.01 4.16
CA GLU A 208 7.77 -23.38 3.39
C GLU A 208 6.64 -22.36 3.44
N GLU A 209 5.74 -22.56 4.38
CA GLU A 209 4.58 -21.70 4.56
C GLU A 209 4.88 -20.62 5.61
N ALA A 210 5.43 -19.50 5.16
CA ALA A 210 5.68 -18.37 6.05
C ALA A 210 4.82 -17.19 5.63
N SER A 211 4.23 -16.52 6.62
CA SER A 211 3.34 -15.43 6.33
C SER A 211 3.22 -14.49 7.52
N SER A 212 2.57 -13.36 7.31
CA SER A 212 2.42 -12.41 8.40
C SER A 212 1.26 -11.47 8.17
N ALA A 213 0.48 -11.22 9.21
CA ALA A 213 -0.60 -10.25 9.13
C ALA A 213 0.01 -8.89 8.88
N VAL A 214 -0.71 -8.04 8.18
CA VAL A 214 -0.20 -6.68 7.94
C VAL A 214 -1.09 -5.64 8.58
N VAL A 215 -0.54 -5.01 9.62
CA VAL A 215 -1.22 -3.94 10.32
C VAL A 215 -0.92 -2.63 9.60
N GLY A 216 -1.84 -2.22 8.73
CA GLY A 216 -1.64 -1.03 7.92
C GLY A 216 -0.94 -1.31 6.61
N ALA B 2 -4.34 13.42 -13.93
CA ALA B 2 -5.64 12.88 -13.53
C ALA B 2 -6.63 12.81 -14.70
N PRO B 3 -7.59 11.88 -14.62
CA PRO B 3 -8.62 11.80 -15.66
C PRO B 3 -9.37 13.11 -15.84
N ALA B 4 -9.79 13.39 -17.07
CA ALA B 4 -10.55 14.59 -17.40
C ALA B 4 -11.65 14.86 -16.39
N ALA B 5 -12.23 13.78 -15.87
CA ALA B 5 -13.32 13.82 -14.89
C ALA B 5 -13.33 12.55 -14.04
N VAL B 6 -13.94 12.64 -12.86
CA VAL B 6 -14.14 11.50 -11.99
C VAL B 6 -15.47 11.74 -11.28
N ASP B 7 -16.16 10.64 -10.95
CA ASP B 7 -17.42 10.71 -10.22
C ASP B 7 -17.60 9.40 -9.48
N TRP B 8 -17.11 9.31 -8.26
CA TRP B 8 -17.06 8.01 -7.60
C TRP B 8 -18.44 7.47 -7.29
N ARG B 9 -19.47 8.22 -7.69
CA ARG B 9 -20.83 7.73 -7.60
C ARG B 9 -21.18 6.79 -8.73
N ALA B 10 -20.43 6.89 -9.82
CA ALA B 10 -20.68 6.04 -10.98
C ALA B 10 -20.34 4.60 -10.67
N ARG B 11 -19.32 4.41 -9.84
CA ARG B 11 -18.86 3.07 -9.47
C ARG B 11 -19.61 2.51 -8.23
N GLY B 12 -20.69 3.19 -7.82
CA GLY B 12 -21.48 2.79 -6.67
C GLY B 12 -20.66 2.72 -5.39
N ALA B 13 -19.77 3.70 -5.24
CA ALA B 13 -18.81 3.73 -4.14
C ALA B 13 -19.25 4.65 -2.99
N VAL B 14 -20.17 5.56 -3.28
CA VAL B 14 -20.66 6.49 -2.27
C VAL B 14 -22.06 6.11 -1.85
N THR B 15 -22.36 6.15 -0.54
CA THR B 15 -23.69 5.76 -0.04
C THR B 15 -24.73 6.86 -0.22
N ALA B 16 -25.95 6.56 0.25
CA ALA B 16 -27.11 7.45 0.17
C ALA B 16 -27.00 8.69 1.08
N VAL B 17 -27.45 9.83 0.55
CA VAL B 17 -27.29 11.10 1.24
C VAL B 17 -27.83 11.10 2.68
N LYS B 18 -26.90 11.23 3.62
CA LYS B 18 -27.18 11.26 5.05
C LYS B 18 -27.82 12.59 5.50
N ASP B 19 -28.24 12.65 6.76
CA ASP B 19 -28.99 13.82 7.27
C ASP B 19 -28.76 14.04 8.77
N GLN B 20 -27.83 14.94 9.07
CA GLN B 20 -27.44 15.21 10.42
C GLN B 20 -28.58 15.83 11.22
N GLY B 21 -29.41 16.63 10.55
CA GLY B 21 -30.56 17.22 11.20
C GLY B 21 -30.17 18.51 11.89
N GLN B 22 -30.68 18.72 13.08
CA GLN B 22 -30.45 19.98 13.77
C GLN B 22 -29.32 19.82 14.77
N CYS B 23 -28.31 19.08 14.32
CA CYS B 23 -27.09 18.93 15.07
C CYS B 23 -25.95 19.43 14.18
N GLY B 24 -24.96 20.05 14.78
CA GLY B 24 -23.80 20.59 14.08
C GLY B 24 -22.72 19.54 13.88
N SER B 25 -23.17 18.39 13.38
CA SER B 25 -22.36 17.21 13.25
C SER B 25 -21.98 16.92 11.79
N CYS B 26 -21.71 17.97 11.03
CA CYS B 26 -21.30 17.84 9.63
C CYS B 26 -20.01 17.07 9.48
N TRP B 27 -19.00 17.51 10.24
CA TRP B 27 -17.85 16.69 10.54
C TRP B 27 -18.39 15.35 11.01
N ALA B 28 -17.60 14.29 10.90
CA ALA B 28 -18.08 12.92 11.21
C ALA B 28 -19.06 12.39 10.16
N PHE B 29 -19.84 13.24 9.54
CA PHE B 29 -20.55 12.76 8.38
C PHE B 29 -19.52 12.82 7.27
N SER B 30 -18.71 13.86 7.30
CA SER B 30 -17.58 13.94 6.39
C SER B 30 -16.70 12.70 6.58
N ALA B 31 -16.25 12.50 7.80
CA ALA B 31 -15.35 11.42 8.14
C ALA B 31 -15.94 10.05 7.85
N ILE B 32 -17.11 9.77 8.41
CA ILE B 32 -17.76 8.47 8.21
C ILE B 32 -18.11 8.22 6.75
N GLY B 33 -18.67 9.20 6.04
CA GLY B 33 -18.91 9.03 4.61
C GLY B 33 -17.64 8.65 3.85
N ASN B 34 -16.58 9.35 4.20
CA ASN B 34 -15.27 9.04 3.65
C ASN B 34 -14.83 7.60 3.93
N VAL B 35 -15.03 7.13 5.15
CA VAL B 35 -14.60 5.78 5.49
C VAL B 35 -15.47 4.74 4.82
N GLU B 36 -16.71 5.10 4.56
CA GLU B 36 -17.61 4.16 3.93
C GLU B 36 -17.03 3.90 2.56
N CYS B 37 -16.72 4.98 1.86
CA CYS B 37 -16.11 4.84 0.54
C CYS B 37 -14.79 4.07 0.60
N GLN B 38 -13.90 4.51 1.48
CA GLN B 38 -12.55 3.97 1.51
C GLN B 38 -12.56 2.48 1.75
N TRP B 39 -13.46 2.07 2.63
CA TRP B 39 -13.67 0.67 2.96
C TRP B 39 -14.16 -0.06 1.73
N PHE B 40 -15.16 0.52 1.05
CA PHE B 40 -15.63 -0.05 -0.19
C PHE B 40 -14.48 -0.31 -1.16
N LEU B 41 -13.55 0.65 -1.25
CA LEU B 41 -12.44 0.54 -2.19
C LEU B 41 -11.37 -0.40 -1.70
N ALA B 42 -11.45 -0.75 -0.43
CA ALA B 42 -10.58 -1.79 0.09
C ALA B 42 -11.17 -3.16 -0.24
N GLY B 43 -12.14 -3.18 -1.15
CA GLY B 43 -12.66 -4.43 -1.66
C GLY B 43 -13.87 -4.93 -0.90
N HIS B 44 -14.15 -4.28 0.23
CA HIS B 44 -15.22 -4.69 1.10
C HIS B 44 -16.55 -4.09 0.65
N PRO B 45 -17.66 -4.75 1.00
CA PRO B 45 -18.94 -4.36 0.42
C PRO B 45 -19.48 -3.03 0.94
N LEU B 46 -20.16 -2.29 0.07
CA LEU B 46 -20.73 -0.99 0.44
C LEU B 46 -21.50 -1.15 1.74
N THR B 47 -21.19 -0.30 2.71
CA THR B 47 -21.65 -0.47 4.09
C THR B 47 -21.77 0.89 4.76
N ASN B 48 -22.96 1.21 5.26
CA ASN B 48 -23.20 2.48 5.96
C ASN B 48 -22.74 2.39 7.41
N LEU B 49 -21.83 3.29 7.79
CA LEU B 49 -21.18 3.21 9.10
C LEU B 49 -21.67 4.29 10.07
N SER B 50 -21.30 4.14 11.34
CA SER B 50 -21.88 4.95 12.42
C SER B 50 -21.25 6.33 12.55
N GLU B 51 -22.01 7.36 12.19
CA GLU B 51 -21.68 8.74 12.53
C GLU B 51 -21.93 8.96 14.01
N GLN B 52 -23.02 8.37 14.47
CA GLN B 52 -23.45 8.47 15.84
C GLN B 52 -22.32 8.11 16.77
N MET B 53 -21.53 7.14 16.33
CA MET B 53 -20.41 6.62 17.09
C MET B 53 -19.42 7.71 17.42
N LEU B 54 -19.15 8.53 16.42
CA LEU B 54 -18.20 9.60 16.53
C LEU B 54 -18.75 10.72 17.37
N VAL B 55 -19.98 11.12 17.07
CA VAL B 55 -20.62 12.20 17.78
C VAL B 55 -20.60 11.93 19.26
N SER B 56 -21.03 10.72 19.62
CA SER B 56 -21.28 10.36 21.01
C SER B 56 -20.03 9.93 21.74
N CYS B 57 -19.12 9.25 21.03
CA CYS B 57 -18.05 8.52 21.72
C CYS B 57 -16.66 9.11 21.58
N ASP B 58 -16.50 10.02 20.63
CA ASP B 58 -15.20 10.66 20.35
C ASP B 58 -15.08 11.93 21.16
N LYS B 59 -14.32 11.86 22.25
CA LYS B 59 -14.16 12.99 23.16
C LYS B 59 -12.94 13.86 22.84
N THR B 60 -12.55 13.93 21.58
CA THR B 60 -11.58 14.93 21.11
C THR B 60 -12.29 15.98 20.27
N ASP B 61 -13.59 15.79 20.11
CA ASP B 61 -14.43 16.71 19.36
C ASP B 61 -15.66 17.00 20.19
N SER B 62 -16.58 17.82 19.68
CA SER B 62 -17.61 18.38 20.55
C SER B 62 -19.05 18.00 20.25
N GLY B 63 -19.27 16.77 19.81
CA GLY B 63 -20.61 16.30 19.54
C GLY B 63 -21.27 17.28 18.60
N CYS B 64 -22.46 17.75 18.96
CA CYS B 64 -23.18 18.72 18.14
C CYS B 64 -22.57 20.11 18.13
N SER B 65 -21.47 20.32 18.85
CA SER B 65 -20.85 21.65 18.92
C SER B 65 -19.73 21.74 17.88
N GLY B 66 -19.58 20.69 17.08
CA GLY B 66 -18.58 20.66 16.04
C GLY B 66 -17.42 19.74 16.35
N GLY B 67 -16.47 19.70 15.43
CA GLY B 67 -15.36 18.77 15.52
C GLY B 67 -14.63 18.71 14.20
N LEU B 68 -13.56 17.93 14.18
CA LEU B 68 -12.70 17.85 12.99
C LEU B 68 -12.66 16.45 12.41
N MET B 69 -12.33 16.36 11.13
CA MET B 69 -12.21 15.06 10.49
C MET B 69 -10.98 14.35 10.99
N ASN B 70 -9.85 15.04 10.98
CA ASN B 70 -8.61 14.44 11.41
C ASN B 70 -8.62 14.03 12.89
N ASN B 71 -9.36 14.78 13.70
CA ASN B 71 -9.56 14.42 15.10
C ASN B 71 -10.27 13.10 15.19
N ALA B 72 -11.16 12.87 14.22
CA ALA B 72 -12.03 11.73 14.20
C ALA B 72 -11.31 10.48 13.70
N PHE B 73 -10.62 10.60 12.56
CA PHE B 73 -9.78 9.53 12.06
C PHE B 73 -8.81 9.12 13.14
N GLU B 74 -8.18 10.13 13.74
CA GLU B 74 -7.21 9.84 14.77
C GLU B 74 -7.84 9.12 15.96
N TRP B 75 -8.97 9.60 16.47
CA TRP B 75 -9.62 8.91 17.59
C TRP B 75 -10.05 7.47 17.25
N ILE B 76 -10.54 7.28 16.03
CA ILE B 76 -10.91 5.96 15.56
C ILE B 76 -9.73 5.01 15.68
N VAL B 77 -8.58 5.44 15.18
CA VAL B 77 -7.41 4.60 15.30
C VAL B 77 -6.91 4.46 16.75
N GLN B 78 -6.76 5.60 17.43
CA GLN B 78 -6.16 5.68 18.76
C GLN B 78 -7.01 5.06 19.86
N GLU B 79 -8.32 5.21 19.76
CA GLU B 79 -9.20 4.82 20.85
C GLU B 79 -10.21 3.76 20.44
N ASN B 80 -10.51 3.65 19.16
CA ASN B 80 -11.33 2.54 18.73
C ASN B 80 -10.48 1.43 18.12
N ASN B 81 -9.16 1.64 18.14
CA ASN B 81 -8.18 0.69 17.57
C ASN B 81 -8.42 0.36 16.09
N GLY B 82 -8.94 1.33 15.33
CA GLY B 82 -9.22 1.16 13.92
C GLY B 82 -10.68 0.92 13.65
N ALA B 83 -11.40 0.50 14.68
CA ALA B 83 -12.77 0.00 14.53
C ALA B 83 -13.87 1.05 14.29
N VAL B 84 -14.63 0.84 13.21
CA VAL B 84 -15.79 1.64 12.84
C VAL B 84 -17.06 0.79 12.87
N TYR B 85 -18.11 1.30 13.51
CA TYR B 85 -19.35 0.53 13.70
C TYR B 85 -20.41 0.74 12.62
N THR B 86 -21.23 -0.27 12.42
CA THR B 86 -22.31 -0.21 11.45
C THR B 86 -23.39 0.77 11.90
N GLU B 87 -23.97 1.49 10.95
CA GLU B 87 -25.00 2.45 11.31
C GLU B 87 -26.26 1.77 11.80
N ASP B 88 -26.52 0.56 11.32
CA ASP B 88 -27.77 -0.09 11.70
C ASP B 88 -27.72 -0.63 13.13
N SER B 89 -26.52 -0.88 13.64
CA SER B 89 -26.33 -1.32 15.03
C SER B 89 -26.02 -0.13 15.93
N TYR B 90 -25.79 1.02 15.31
CA TYR B 90 -25.56 2.26 16.03
C TYR B 90 -26.21 3.36 15.21
N PRO B 91 -27.54 3.45 15.31
CA PRO B 91 -28.30 4.36 14.45
C PRO B 91 -28.13 5.80 14.90
N TYR B 92 -28.18 6.71 13.92
CA TYR B 92 -28.02 8.12 14.20
C TYR B 92 -29.13 8.60 15.10
N ALA B 93 -28.77 9.25 16.20
CA ALA B 93 -29.77 9.73 17.14
C ALA B 93 -29.45 11.14 17.63
N SER B 94 -29.20 12.05 16.70
CA SER B 94 -28.88 13.42 17.06
C SER B 94 -29.62 14.41 16.17
N GLY B 95 -30.63 13.92 15.45
CA GLY B 95 -31.35 14.76 14.52
C GLY B 95 -32.02 15.97 15.12
N GLU B 96 -32.05 16.03 16.44
CA GLU B 96 -32.87 16.97 17.17
C GLU B 96 -32.04 17.90 18.02
N GLY B 97 -30.75 17.98 17.69
CA GLY B 97 -29.82 18.84 18.42
C GLY B 97 -29.21 18.21 19.66
N ILE B 98 -29.73 17.07 20.08
CA ILE B 98 -29.21 16.46 21.28
C ILE B 98 -28.73 15.05 21.01
N SER B 99 -27.49 14.82 21.44
CA SER B 99 -26.78 13.58 21.26
C SER B 99 -26.68 12.77 22.54
N PRO B 100 -27.10 11.49 22.48
CA PRO B 100 -26.97 10.48 23.53
C PRO B 100 -25.52 10.21 23.93
N PRO B 101 -25.30 9.77 25.17
CA PRO B 101 -23.92 9.47 25.56
C PRO B 101 -23.41 8.28 24.78
N CYS B 102 -22.15 7.94 24.97
CA CYS B 102 -21.59 6.75 24.34
C CYS B 102 -22.20 5.47 24.88
N THR B 103 -22.14 4.43 24.05
CA THR B 103 -22.42 3.06 24.46
C THR B 103 -21.34 2.16 23.86
N THR B 104 -20.89 1.18 24.62
CA THR B 104 -19.73 0.39 24.21
C THR B 104 -20.11 -1.01 23.69
N SER B 105 -21.14 -1.60 24.29
CA SER B 105 -21.72 -2.84 23.79
C SER B 105 -22.88 -2.54 22.84
N GLY B 106 -23.54 -3.59 22.35
CA GLY B 106 -24.65 -3.42 21.43
C GLY B 106 -24.21 -3.17 19.99
N HIS B 107 -22.92 -2.90 19.80
CA HIS B 107 -22.38 -2.53 18.51
C HIS B 107 -21.51 -3.63 17.91
N THR B 108 -21.46 -3.68 16.59
CA THR B 108 -20.50 -4.52 15.91
C THR B 108 -19.69 -3.70 14.93
N VAL B 109 -18.42 -4.06 14.78
CA VAL B 109 -17.54 -3.36 13.86
C VAL B 109 -17.96 -3.65 12.43
N GLY B 110 -18.14 -2.60 11.64
CA GLY B 110 -18.50 -2.77 10.25
C GLY B 110 -17.32 -2.48 9.36
N ALA B 111 -16.27 -1.89 9.92
CA ALA B 111 -15.11 -1.51 9.11
C ALA B 111 -13.87 -1.26 9.96
N THR B 112 -12.69 -1.33 9.35
CA THR B 112 -11.50 -0.95 10.09
C THR B 112 -10.62 -0.03 9.25
N ILE B 113 -9.83 0.80 9.92
CA ILE B 113 -8.86 1.64 9.23
C ILE B 113 -7.60 1.63 10.05
N THR B 114 -6.49 2.03 9.44
CA THR B 114 -5.20 1.90 10.11
C THR B 114 -4.52 3.24 10.32
N GLY B 115 -5.15 4.29 9.84
CA GLY B 115 -4.55 5.60 9.97
C GLY B 115 -5.15 6.57 8.97
N HIS B 116 -4.71 7.81 8.99
CA HIS B 116 -5.27 8.74 8.05
C HIS B 116 -4.15 9.54 7.44
N VAL B 117 -4.43 10.13 6.29
CA VAL B 117 -3.47 10.94 5.58
C VAL B 117 -4.04 12.33 5.45
N GLU B 118 -3.18 13.32 5.60
CA GLU B 118 -3.60 14.69 5.33
C GLU B 118 -3.00 15.14 4.00
N LEU B 119 -3.84 15.66 3.13
CA LEU B 119 -3.41 15.96 1.77
C LEU B 119 -2.76 17.33 1.67
N PRO B 120 -1.94 17.52 0.63
CA PRO B 120 -1.36 18.84 0.40
C PRO B 120 -2.43 19.90 0.14
N GLN B 121 -2.09 21.15 0.40
CA GLN B 121 -3.02 22.26 0.16
C GLN B 121 -2.87 22.72 -1.27
N ASP B 122 -3.42 21.95 -2.19
CA ASP B 122 -3.35 22.23 -3.61
C ASP B 122 -4.40 21.42 -4.35
N GLU B 123 -5.35 22.13 -4.96
CA GLU B 123 -6.54 21.54 -5.60
C GLU B 123 -6.22 20.38 -6.53
N ALA B 124 -5.39 20.64 -7.54
CA ALA B 124 -5.03 19.67 -8.57
C ALA B 124 -4.58 18.35 -7.98
N GLN B 125 -3.73 18.43 -6.97
CA GLN B 125 -3.19 17.24 -6.32
C GLN B 125 -4.26 16.47 -5.55
N ILE B 126 -5.21 17.19 -4.98
CA ILE B 126 -6.35 16.58 -4.31
C ILE B 126 -7.25 15.87 -5.33
N ALA B 127 -7.46 16.49 -6.48
CA ALA B 127 -8.16 15.83 -7.58
C ALA B 127 -7.43 14.56 -7.98
N ALA B 128 -6.11 14.64 -8.11
CA ALA B 128 -5.30 13.50 -8.52
C ALA B 128 -5.49 12.34 -7.55
N TRP B 129 -5.25 12.67 -6.30
CA TRP B 129 -5.33 11.71 -5.22
C TRP B 129 -6.71 11.10 -5.15
N LEU B 130 -7.74 11.92 -5.32
CA LEU B 130 -9.09 11.42 -5.34
C LEU B 130 -9.25 10.40 -6.46
N ALA B 131 -8.81 10.80 -7.65
CA ALA B 131 -8.93 9.98 -8.85
C ALA B 131 -8.35 8.61 -8.63
N VAL B 132 -7.25 8.54 -7.88
CA VAL B 132 -6.64 7.25 -7.63
C VAL B 132 -7.22 6.50 -6.42
N ASN B 133 -7.42 7.21 -5.33
CA ASN B 133 -7.68 6.57 -4.06
C ASN B 133 -9.11 6.70 -3.58
N GLY B 134 -9.82 7.67 -4.13
CA GLY B 134 -11.22 7.77 -3.86
C GLY B 134 -11.55 9.06 -3.16
N PRO B 135 -12.81 9.18 -2.73
CA PRO B 135 -13.38 10.38 -2.13
C PRO B 135 -12.57 10.94 -0.96
N VAL B 136 -12.43 12.26 -1.00
CA VAL B 136 -11.61 13.01 -0.07
C VAL B 136 -12.55 13.71 0.89
N ALA B 137 -12.16 13.81 2.15
CA ALA B 137 -12.90 14.65 3.06
C ALA B 137 -12.31 16.06 2.95
N VAL B 138 -13.18 17.06 2.90
CA VAL B 138 -12.69 18.44 2.91
C VAL B 138 -13.45 19.35 3.84
N ALA B 139 -12.74 20.31 4.41
CA ALA B 139 -13.36 21.34 5.22
C ALA B 139 -13.69 22.47 4.30
N VAL B 140 -14.77 23.19 4.57
CA VAL B 140 -15.14 24.27 3.67
C VAL B 140 -15.89 25.38 4.36
N ASP B 141 -15.72 26.57 3.79
CA ASP B 141 -16.61 27.69 4.04
C ASP B 141 -17.85 27.45 3.23
N ALA B 142 -18.91 27.02 3.91
CA ALA B 142 -20.16 26.72 3.22
C ALA B 142 -21.22 27.82 3.36
N SER B 143 -20.79 29.06 3.59
CA SER B 143 -21.74 30.12 3.94
C SER B 143 -22.65 30.51 2.77
N SER B 144 -22.22 30.26 1.56
CA SER B 144 -23.03 30.55 0.38
C SER B 144 -24.08 29.47 0.11
N TRP B 145 -24.07 28.40 0.88
CA TRP B 145 -24.75 27.18 0.47
C TRP B 145 -26.25 27.17 0.71
N MET B 146 -26.73 28.03 1.59
CA MET B 146 -28.12 27.95 2.02
C MET B 146 -29.00 28.35 0.88
N THR B 147 -28.47 29.24 0.06
CA THR B 147 -29.23 29.83 -1.03
C THR B 147 -28.94 29.10 -2.33
N TYR B 148 -27.95 28.21 -2.30
CA TYR B 148 -27.73 27.24 -3.37
C TYR B 148 -28.99 26.43 -3.65
N THR B 149 -29.32 26.26 -4.93
CA THR B 149 -30.50 25.47 -5.32
C THR B 149 -30.18 24.66 -6.56
N GLY B 150 -28.90 24.40 -6.77
CA GLY B 150 -28.47 23.70 -7.95
C GLY B 150 -27.45 24.52 -8.71
N GLY B 151 -27.01 24.00 -9.85
CA GLY B 151 -26.03 24.69 -10.68
C GLY B 151 -24.64 24.65 -10.05
N VAL B 152 -23.68 25.29 -10.71
CA VAL B 152 -22.31 25.31 -10.21
C VAL B 152 -21.99 26.62 -9.53
N MET B 153 -21.77 26.55 -8.22
CA MET B 153 -21.47 27.73 -7.41
C MET B 153 -20.09 28.35 -7.72
N THR B 154 -20.07 29.64 -8.03
CA THR B 154 -18.86 30.32 -8.51
C THR B 154 -18.30 31.37 -7.56
N SER B 155 -19.14 31.97 -6.74
CA SER B 155 -18.68 33.05 -5.86
C SER B 155 -18.90 32.70 -4.39
N CYS B 156 -18.67 31.44 -4.07
CA CYS B 156 -18.63 31.00 -2.68
C CYS B 156 -17.88 31.99 -1.80
N VAL B 157 -18.51 32.36 -0.69
CA VAL B 157 -17.80 33.10 0.33
C VAL B 157 -16.69 32.20 0.82
N SER B 158 -15.45 32.61 0.53
CA SER B 158 -14.29 31.78 0.79
C SER B 158 -13.42 32.32 1.91
N GLU B 159 -13.98 32.49 3.10
CA GLU B 159 -13.25 33.17 4.16
C GLU B 159 -12.99 32.28 5.38
N GLN B 160 -13.98 31.48 5.78
CA GLN B 160 -13.87 30.72 7.02
C GLN B 160 -14.45 29.30 6.99
N LEU B 161 -13.58 28.29 7.16
CA LEU B 161 -13.99 26.88 7.19
C LEU B 161 -14.88 26.52 8.36
N ASP B 162 -16.15 26.22 8.09
CA ASP B 162 -17.09 25.94 9.16
C ASP B 162 -17.78 24.60 8.95
N HIS B 163 -17.48 23.96 7.83
CA HIS B 163 -18.23 22.80 7.39
C HIS B 163 -17.28 21.63 7.10
N GLY B 164 -17.80 20.40 7.21
CA GLY B 164 -17.10 19.22 6.77
C GLY B 164 -17.92 18.47 5.74
N VAL B 165 -17.37 18.26 4.54
CA VAL B 165 -18.13 17.61 3.46
C VAL B 165 -17.31 16.56 2.68
N LEU B 166 -17.97 15.84 1.77
CA LEU B 166 -17.30 14.76 1.07
C LEU B 166 -17.07 14.98 -0.44
N LEU B 167 -15.83 15.26 -0.81
CA LEU B 167 -15.39 15.25 -2.20
C LEU B 167 -15.58 13.91 -2.87
N VAL B 168 -16.56 13.79 -3.75
CA VAL B 168 -16.79 12.53 -4.40
C VAL B 168 -16.44 12.57 -5.88
N GLY B 169 -16.08 13.74 -6.39
CA GLY B 169 -15.70 13.85 -7.79
C GLY B 169 -15.40 15.25 -8.30
N TYR B 170 -15.19 15.34 -9.61
CA TYR B 170 -14.77 16.57 -10.31
C TYR B 170 -14.90 16.42 -11.83
N ASN B 171 -14.83 17.54 -12.54
CA ASN B 171 -14.93 17.52 -14.00
C ASN B 171 -14.17 18.68 -14.68
N ASP B 172 -12.89 18.48 -14.98
CA ASP B 172 -12.07 19.51 -15.63
C ASP B 172 -12.59 19.93 -17.02
N SER B 173 -13.15 18.99 -17.78
CA SER B 173 -13.52 19.27 -19.16
C SER B 173 -14.84 20.02 -19.30
N ALA B 174 -15.38 20.50 -18.19
CA ALA B 174 -16.62 21.25 -18.24
C ALA B 174 -16.32 22.62 -18.76
N ALA B 175 -17.36 23.36 -19.12
CA ALA B 175 -17.19 24.76 -19.46
C ALA B 175 -16.53 25.46 -18.26
N VAL B 176 -17.21 25.41 -17.11
CA VAL B 176 -16.58 25.81 -15.86
C VAL B 176 -16.34 24.60 -14.98
N PRO B 177 -15.05 24.20 -14.83
CA PRO B 177 -14.61 23.09 -13.98
C PRO B 177 -15.23 23.14 -12.59
N TYR B 178 -15.62 21.99 -12.06
CA TYR B 178 -16.28 21.96 -10.77
C TYR B 178 -15.94 20.73 -9.93
N TRP B 179 -16.05 20.90 -8.62
CA TRP B 179 -15.99 19.81 -7.68
C TRP B 179 -17.40 19.31 -7.46
N ILE B 180 -17.53 17.98 -7.33
CA ILE B 180 -18.76 17.31 -6.91
C ILE B 180 -18.64 16.91 -5.45
N ILE B 181 -19.48 17.48 -4.62
CA ILE B 181 -19.39 17.25 -3.19
C ILE B 181 -20.69 16.76 -2.59
N LYS B 182 -20.57 15.67 -1.86
CA LYS B 182 -21.64 15.15 -1.03
C LYS B 182 -21.77 16.01 0.22
N ASN B 183 -23.01 16.31 0.58
CA ASN B 183 -23.35 16.99 1.82
C ASN B 183 -24.17 16.05 2.71
N SER B 184 -24.65 16.56 3.84
CA SER B 184 -25.34 15.75 4.82
C SER B 184 -26.62 16.41 5.27
N TRP B 185 -27.23 17.16 4.36
CA TRP B 185 -28.50 17.76 4.70
C TRP B 185 -29.56 16.73 4.27
N THR B 186 -30.47 17.00 3.35
CA THR B 186 -31.22 15.82 2.89
C THR B 186 -30.93 15.55 1.42
N THR B 187 -31.90 14.96 0.73
CA THR B 187 -31.85 14.92 -0.73
C THR B 187 -32.69 16.06 -1.28
N GLN B 188 -33.30 16.83 -0.37
CA GLN B 188 -34.08 17.97 -0.82
C GLN B 188 -33.21 19.21 -1.03
N TRP B 189 -31.98 19.20 -0.53
CA TRP B 189 -31.08 20.34 -0.69
C TRP B 189 -30.16 20.23 -1.86
N GLY B 190 -30.14 21.30 -2.66
CA GLY B 190 -29.29 21.39 -3.82
C GLY B 190 -29.50 20.21 -4.74
N GLU B 191 -28.43 19.76 -5.37
CA GLU B 191 -28.53 18.73 -6.39
C GLU B 191 -28.72 17.36 -5.76
N GLU B 192 -29.91 17.16 -5.19
CA GLU B 192 -30.31 15.93 -4.52
C GLU B 192 -29.28 15.58 -3.45
N GLY B 193 -28.93 16.61 -2.68
CA GLY B 193 -27.98 16.46 -1.59
C GLY B 193 -26.56 16.82 -1.98
N TYR B 194 -26.33 16.87 -3.28
CA TYR B 194 -25.01 17.15 -3.80
C TYR B 194 -24.86 18.62 -4.16
N ILE B 195 -23.61 19.04 -4.25
CA ILE B 195 -23.32 20.38 -4.68
C ILE B 195 -22.09 20.44 -5.60
N ARG B 196 -22.25 21.22 -6.66
CA ARG B 196 -21.20 21.46 -7.63
C ARG B 196 -20.62 22.85 -7.47
N ILE B 197 -19.35 22.96 -7.08
CA ILE B 197 -18.75 24.30 -6.94
C ILE B 197 -17.59 24.46 -7.92
N ALA B 198 -17.36 25.67 -8.43
CA ALA B 198 -16.27 25.89 -9.40
C ALA B 198 -14.94 25.39 -8.86
N LYS B 199 -14.07 24.93 -9.75
CA LYS B 199 -12.85 24.25 -9.32
C LYS B 199 -11.61 24.97 -9.80
N GLY B 200 -10.58 25.02 -8.97
CA GLY B 200 -9.30 25.56 -9.38
C GLY B 200 -9.05 26.96 -8.89
N SER B 201 -9.94 27.45 -8.00
CA SER B 201 -9.92 28.84 -7.59
C SER B 201 -10.01 28.96 -6.09
N ASN B 202 -10.16 27.80 -5.44
CA ASN B 202 -10.30 27.68 -4.00
C ASN B 202 -11.62 28.26 -3.53
N GLN B 203 -12.69 27.90 -4.23
CA GLN B 203 -14.05 28.17 -3.80
C GLN B 203 -14.27 27.54 -2.46
N CYS B 204 -14.88 28.30 -1.56
CA CYS B 204 -15.30 27.82 -0.25
C CYS B 204 -14.07 27.31 0.55
N LEU B 205 -12.87 27.64 0.09
CA LEU B 205 -11.61 27.24 0.71
C LEU B 205 -11.41 25.73 0.69
N VAL B 206 -11.84 25.09 -0.38
CA VAL B 206 -11.89 23.64 -0.42
C VAL B 206 -10.53 22.99 -0.07
N LYS B 207 -9.45 23.57 -0.57
CA LYS B 207 -8.15 22.90 -0.55
C LYS B 207 -7.43 22.96 0.78
N GLU B 208 -8.01 23.62 1.77
CA GLU B 208 -7.25 23.86 2.99
C GLU B 208 -7.06 22.63 3.85
N GLU B 209 -8.15 21.98 4.22
CA GLU B 209 -8.08 20.90 5.17
C GLU B 209 -8.66 19.61 4.57
N ALA B 210 -7.95 19.09 3.57
CA ALA B 210 -8.41 17.92 2.82
C ALA B 210 -7.63 16.69 3.25
N SER B 211 -8.35 15.65 3.63
CA SER B 211 -7.69 14.46 4.14
C SER B 211 -8.44 13.19 3.75
N SER B 212 -7.94 12.05 4.22
CA SER B 212 -8.66 10.80 4.03
C SER B 212 -8.24 9.74 5.01
N ALA B 213 -9.03 8.68 5.08
CA ALA B 213 -8.68 7.55 5.94
C ALA B 213 -7.83 6.56 5.17
N VAL B 214 -7.35 5.54 5.87
CA VAL B 214 -6.62 4.46 5.23
C VAL B 214 -7.14 3.14 5.76
N VAL B 215 -7.75 2.37 4.87
CA VAL B 215 -8.17 1.02 5.17
C VAL B 215 -6.99 0.08 4.97
N GLY B 216 -5.82 0.52 5.42
CA GLY B 216 -4.60 -0.21 5.15
C GLY B 216 -4.04 0.13 3.79
N ALA C 2 9.26 16.59 -37.44
CA ALA C 2 10.44 16.20 -36.70
C ALA C 2 11.69 16.74 -37.37
N PRO C 3 12.55 17.44 -36.60
CA PRO C 3 13.93 17.79 -36.96
C PRO C 3 14.70 16.57 -37.39
N ALA C 4 15.67 16.77 -38.25
CA ALA C 4 16.51 15.68 -38.75
C ALA C 4 17.27 15.00 -37.60
N ALA C 5 17.48 15.73 -36.51
CA ALA C 5 18.11 15.18 -35.33
C ALA C 5 17.50 15.69 -34.03
N VAL C 6 17.71 14.94 -32.95
CA VAL C 6 17.41 15.36 -31.58
C VAL C 6 18.41 14.71 -30.64
N ASP C 7 18.96 15.48 -29.71
CA ASP C 7 19.75 14.87 -28.64
C ASP C 7 19.49 15.59 -27.33
N TRP C 8 18.67 14.99 -26.48
CA TRP C 8 18.27 15.57 -25.18
C TRP C 8 19.40 15.59 -24.17
N ARG C 9 20.48 14.88 -24.48
CA ARG C 9 21.67 14.92 -23.64
C ARG C 9 22.35 16.27 -23.79
N ALA C 10 22.12 16.93 -24.92
CA ALA C 10 22.70 18.23 -25.22
C ALA C 10 21.98 19.34 -24.46
N ARG C 11 20.70 19.13 -24.21
CA ARG C 11 19.90 20.10 -23.46
C ARG C 11 19.98 19.84 -21.96
N GLY C 12 20.82 18.86 -21.60
CA GLY C 12 21.07 18.49 -20.22
C GLY C 12 19.98 17.63 -19.60
N ALA C 13 19.16 16.99 -20.43
CA ALA C 13 17.92 16.44 -19.93
C ALA C 13 18.11 15.10 -19.26
N VAL C 14 19.33 14.58 -19.30
CA VAL C 14 19.56 13.20 -18.89
C VAL C 14 20.57 13.10 -17.75
N THR C 15 20.31 12.17 -16.84
CA THR C 15 21.24 11.88 -15.77
C THR C 15 22.26 10.86 -16.27
N ALA C 16 23.26 10.59 -15.44
CA ALA C 16 24.33 9.67 -15.79
C ALA C 16 23.79 8.29 -16.11
N VAL C 17 24.59 7.51 -16.84
CA VAL C 17 24.21 6.14 -17.17
C VAL C 17 24.37 5.30 -15.91
N LYS C 18 23.25 5.02 -15.25
CA LYS C 18 23.23 4.27 -13.98
C LYS C 18 23.45 2.76 -14.19
N ASP C 19 23.78 2.05 -13.11
CA ASP C 19 24.11 0.62 -13.20
C ASP C 19 23.22 -0.28 -12.34
N GLN C 20 22.84 -1.44 -12.87
CA GLN C 20 21.80 -2.26 -12.26
C GLN C 20 22.32 -3.51 -11.53
N GLY C 21 23.55 -3.90 -11.82
CA GLY C 21 24.10 -5.05 -11.14
C GLY C 21 23.66 -6.27 -11.81
N GLN C 22 23.39 -7.28 -11.03
CA GLN C 22 23.17 -8.60 -11.60
C GLN C 22 21.71 -8.81 -11.20
N CYS C 23 20.91 -7.80 -11.54
CA CYS C 23 19.51 -7.65 -11.19
C CYS C 23 18.83 -7.32 -12.49
N GLY C 24 17.71 -7.97 -12.78
CA GLY C 24 16.96 -7.76 -13.99
C GLY C 24 15.93 -6.68 -13.77
N SER C 25 16.42 -5.52 -13.35
CA SER C 25 15.62 -4.33 -13.08
C SER C 25 15.62 -3.30 -14.22
N CYS C 26 16.03 -3.72 -15.41
CA CYS C 26 16.06 -2.88 -16.58
C CYS C 26 14.85 -1.96 -16.74
N TRP C 27 13.68 -2.49 -16.41
CA TRP C 27 12.41 -1.77 -16.48
C TRP C 27 12.36 -0.63 -15.48
N ALA C 28 12.90 -0.87 -14.29
CA ALA C 28 12.91 0.12 -13.23
C ALA C 28 13.81 1.27 -13.63
N PHE C 29 14.98 0.94 -14.15
CA PHE C 29 15.93 1.94 -14.61
C PHE C 29 15.40 2.74 -15.78
N SER C 30 14.79 2.06 -16.75
CA SER C 30 14.28 2.76 -17.91
C SER C 30 13.14 3.69 -17.53
N ALA C 31 12.13 3.15 -16.86
CA ALA C 31 11.02 3.95 -16.39
C ALA C 31 11.52 5.17 -15.59
N ILE C 32 12.41 4.93 -14.64
CA ILE C 32 12.95 5.99 -13.80
C ILE C 32 13.71 7.04 -14.60
N GLY C 33 14.48 6.60 -15.57
CA GLY C 33 15.24 7.52 -16.39
C GLY C 33 14.28 8.43 -17.13
N ASN C 34 13.24 7.83 -17.68
CA ASN C 34 12.23 8.61 -18.38
C ASN C 34 11.62 9.62 -17.44
N VAL C 35 11.46 9.25 -16.17
CA VAL C 35 10.82 10.13 -15.21
C VAL C 35 11.72 11.30 -14.79
N GLU C 36 13.02 11.04 -14.69
CA GLU C 36 14.00 12.08 -14.37
C GLU C 36 14.08 13.10 -15.50
N CYS C 37 14.00 12.59 -16.73
CA CYS C 37 13.94 13.47 -17.89
C CYS C 37 12.64 14.26 -17.94
N GLN C 38 11.51 13.62 -17.64
CA GLN C 38 10.23 14.29 -17.81
C GLN C 38 10.05 15.38 -16.77
N TRP C 39 10.48 15.08 -15.55
CA TRP C 39 10.44 16.04 -14.45
C TRP C 39 11.44 17.16 -14.68
N PHE C 40 12.59 16.82 -15.25
CA PHE C 40 13.52 17.83 -15.69
C PHE C 40 12.82 18.75 -16.68
N LEU C 41 12.24 18.14 -17.70
CA LEU C 41 11.58 18.84 -18.80
C LEU C 41 10.38 19.64 -18.32
N ALA C 42 9.89 19.29 -17.14
CA ALA C 42 8.75 19.99 -16.56
C ALA C 42 9.22 21.28 -15.92
N GLY C 43 10.44 21.69 -16.24
CA GLY C 43 11.00 22.94 -15.76
C GLY C 43 11.55 22.81 -14.36
N HIS C 44 11.91 21.58 -13.98
CA HIS C 44 12.60 21.35 -12.72
C HIS C 44 14.07 21.02 -12.99
N PRO C 45 14.91 20.99 -11.94
CA PRO C 45 16.33 20.65 -12.19
C PRO C 45 16.60 19.14 -12.40
N LEU C 46 17.74 18.87 -13.04
CA LEU C 46 18.23 17.51 -13.23
C LEU C 46 18.38 16.79 -11.89
N THR C 47 17.61 15.73 -11.70
CA THR C 47 17.55 15.04 -10.41
C THR C 47 17.75 13.55 -10.58
N ASN C 48 18.43 12.93 -9.62
CA ASN C 48 18.55 11.48 -9.61
C ASN C 48 17.53 10.82 -8.67
N LEU C 49 16.71 9.93 -9.24
CA LEU C 49 15.56 9.31 -8.56
C LEU C 49 15.74 7.81 -8.40
N SER C 50 14.81 7.18 -7.66
CA SER C 50 15.05 5.83 -7.12
C SER C 50 14.48 4.66 -7.91
N GLU C 51 15.39 3.79 -8.32
CA GLU C 51 15.09 2.60 -9.08
C GLU C 51 14.73 1.50 -8.08
N GLN C 52 15.37 1.59 -6.92
CA GLN C 52 15.17 0.62 -5.84
C GLN C 52 13.79 0.72 -5.23
N MET C 53 13.27 1.93 -5.22
CA MET C 53 11.85 2.18 -4.96
C MET C 53 11.01 1.20 -5.75
N LEU C 54 11.27 1.15 -7.05
CA LEU C 54 10.48 0.34 -7.98
C LEU C 54 10.71 -1.14 -7.83
N VAL C 55 11.98 -1.52 -7.68
CA VAL C 55 12.31 -2.93 -7.57
C VAL C 55 11.79 -3.54 -6.27
N SER C 56 11.88 -2.77 -5.21
CA SER C 56 11.61 -3.31 -3.89
C SER C 56 10.16 -3.08 -3.44
N CYS C 57 9.47 -2.08 -4.01
CA CYS C 57 8.10 -1.76 -3.58
C CYS C 57 7.00 -2.10 -4.60
N ASP C 58 7.32 -2.06 -5.89
CA ASP C 58 6.34 -2.38 -6.94
C ASP C 58 6.05 -3.87 -6.96
N LYS C 59 4.82 -4.23 -6.65
CA LYS C 59 4.43 -5.63 -6.55
C LYS C 59 3.73 -6.09 -7.81
N THR C 60 3.34 -5.12 -8.62
CA THR C 60 2.82 -5.42 -9.93
C THR C 60 3.91 -5.96 -10.86
N ASP C 61 5.17 -5.87 -10.41
CA ASP C 61 6.32 -6.43 -11.12
C ASP C 61 7.19 -7.28 -10.20
N SER C 62 8.17 -7.97 -10.77
CA SER C 62 8.83 -9.08 -10.07
C SER C 62 10.29 -8.84 -9.72
N GLY C 63 10.60 -7.60 -9.33
CA GLY C 63 11.92 -7.19 -8.91
C GLY C 63 13.06 -7.56 -9.84
N CYS C 64 13.93 -8.43 -9.35
CA CYS C 64 15.15 -8.74 -10.06
C CYS C 64 14.87 -9.75 -11.12
N SER C 65 13.64 -10.25 -11.11
CA SER C 65 13.18 -11.20 -12.11
C SER C 65 12.58 -10.39 -13.25
N GLY C 66 12.41 -9.10 -12.99
CA GLY C 66 11.99 -8.18 -14.02
C GLY C 66 10.58 -7.63 -13.91
N GLY C 67 10.17 -6.95 -14.96
CA GLY C 67 8.84 -6.39 -15.02
C GLY C 67 8.64 -5.57 -16.26
N LEU C 68 7.65 -4.68 -16.22
CA LEU C 68 7.31 -3.89 -17.39
C LEU C 68 7.41 -2.42 -17.03
N MET C 69 7.63 -1.57 -18.02
CA MET C 69 7.73 -0.14 -17.74
C MET C 69 6.38 0.49 -17.47
N ASN C 70 5.36 0.14 -18.23
CA ASN C 70 4.02 0.68 -17.97
C ASN C 70 3.55 0.39 -16.54
N ASN C 71 3.70 -0.87 -16.14
CA ASN C 71 3.41 -1.28 -14.78
C ASN C 71 4.15 -0.43 -13.79
N ALA C 72 5.42 -0.18 -14.08
CA ALA C 72 6.26 0.67 -13.26
C ALA C 72 5.72 2.11 -13.22
N PHE C 73 5.21 2.56 -14.35
CA PHE C 73 4.82 3.93 -14.58
C PHE C 73 3.55 4.31 -13.87
N GLU C 74 2.62 3.38 -13.75
CA GLU C 74 1.43 3.79 -13.02
C GLU C 74 1.16 2.93 -11.81
N TRP C 75 2.13 2.10 -11.44
CA TRP C 75 2.19 1.65 -10.07
C TRP C 75 2.39 2.90 -9.26
N ILE C 76 3.13 3.83 -9.83
CA ILE C 76 3.52 5.05 -9.14
C ILE C 76 2.34 5.96 -8.89
N VAL C 77 1.50 6.14 -9.91
CA VAL C 77 0.30 6.93 -9.76
C VAL C 77 -0.75 6.18 -8.92
N GLN C 78 -0.89 4.88 -9.13
CA GLN C 78 -1.97 4.17 -8.47
C GLN C 78 -1.64 3.70 -7.04
N GLU C 79 -0.36 3.74 -6.66
CA GLU C 79 0.06 3.16 -5.39
C GLU C 79 1.06 4.04 -4.62
N ASN C 80 1.63 5.04 -5.28
CA ASN C 80 2.52 5.95 -4.57
C ASN C 80 2.00 7.38 -4.63
N ASN C 81 1.00 7.61 -5.47
CA ASN C 81 0.38 8.92 -5.72
C ASN C 81 1.30 9.82 -6.50
N GLY C 82 1.71 9.38 -7.68
CA GLY C 82 2.58 10.16 -8.53
C GLY C 82 4.00 10.23 -8.00
N ALA C 83 4.13 9.97 -6.70
CA ALA C 83 5.39 10.06 -5.96
C ALA C 83 6.49 9.20 -6.54
N VAL C 84 7.65 9.81 -6.68
CA VAL C 84 8.88 9.09 -6.94
C VAL C 84 9.93 9.69 -6.07
N TYR C 85 10.58 8.84 -5.28
CA TYR C 85 11.58 9.25 -4.31
C TYR C 85 12.94 9.52 -4.88
N THR C 86 13.62 10.52 -4.33
CA THR C 86 14.99 10.82 -4.71
C THR C 86 15.83 9.58 -4.47
N GLU C 87 16.86 9.41 -5.30
CA GLU C 87 17.72 8.26 -5.29
C GLU C 87 18.56 8.18 -4.02
N ASP C 88 18.79 9.32 -3.38
CA ASP C 88 19.73 9.37 -2.27
C ASP C 88 19.06 9.06 -0.96
N SER C 89 17.74 9.20 -0.94
CA SER C 89 16.94 8.89 0.23
C SER C 89 16.51 7.41 0.22
N TYR C 90 16.58 6.79 -0.97
CA TYR C 90 16.41 5.35 -1.15
C TYR C 90 17.40 4.77 -2.19
N PRO C 91 18.64 4.52 -1.77
CA PRO C 91 19.72 4.17 -2.72
C PRO C 91 19.50 2.82 -3.37
N TYR C 92 20.20 2.56 -4.49
CA TYR C 92 20.16 1.25 -5.15
C TYR C 92 20.88 0.16 -4.35
N ALA C 93 20.20 -0.96 -4.12
CA ALA C 93 20.73 -2.00 -3.23
C ALA C 93 20.71 -3.40 -3.83
N SER C 94 20.54 -3.49 -5.14
CA SER C 94 20.24 -4.78 -5.77
C SER C 94 21.29 -5.22 -6.78
N GLY C 95 22.44 -4.55 -6.79
CA GLY C 95 23.52 -4.86 -7.70
C GLY C 95 24.08 -6.26 -7.51
N GLU C 96 23.45 -7.01 -6.62
CA GLU C 96 23.91 -8.35 -6.26
C GLU C 96 22.82 -9.38 -6.53
N GLY C 97 21.75 -8.96 -7.21
CA GLY C 97 20.63 -9.83 -7.49
C GLY C 97 19.59 -9.82 -6.38
N ILE C 98 19.99 -9.42 -5.19
CA ILE C 98 19.10 -9.41 -4.04
C ILE C 98 18.41 -8.07 -3.82
N SER C 99 17.12 -8.02 -4.07
CA SER C 99 16.36 -6.83 -3.75
C SER C 99 15.80 -6.98 -2.34
N PRO C 100 16.03 -5.96 -1.49
CA PRO C 100 15.63 -5.90 -0.09
C PRO C 100 14.12 -5.78 0.08
N PRO C 101 13.61 -5.98 1.31
CA PRO C 101 12.16 -5.80 1.47
C PRO C 101 11.79 -4.33 1.26
N CYS C 102 10.50 -4.03 1.14
CA CYS C 102 10.06 -2.66 0.90
C CYS C 102 10.00 -1.82 2.18
N THR C 103 10.38 -0.55 2.06
CA THR C 103 10.39 0.36 3.21
C THR C 103 9.63 1.65 2.95
N THR C 104 8.80 2.03 3.92
CA THR C 104 7.92 3.18 3.78
C THR C 104 8.50 4.50 4.33
N SER C 105 9.55 4.39 5.12
CA SER C 105 10.02 5.55 5.88
C SER C 105 11.41 5.97 5.50
N GLY C 106 11.75 7.22 5.77
CA GLY C 106 13.11 7.71 5.59
C GLY C 106 13.44 8.01 4.15
N HIS C 107 12.41 8.30 3.35
CA HIS C 107 12.60 8.61 1.94
C HIS C 107 12.09 10.02 1.68
N THR C 108 12.59 10.62 0.59
CA THR C 108 12.22 11.98 0.22
C THR C 108 11.70 12.03 -1.21
N VAL C 109 10.45 12.44 -1.37
CA VAL C 109 9.88 12.55 -2.69
C VAL C 109 10.57 13.63 -3.51
N GLY C 110 11.22 13.22 -4.59
CA GLY C 110 11.96 14.12 -5.47
C GLY C 110 11.24 14.48 -6.76
N ALA C 111 10.37 13.61 -7.24
CA ALA C 111 9.54 13.91 -8.40
C ALA C 111 8.15 13.39 -8.20
N THR C 112 7.21 13.86 -9.03
CA THR C 112 5.80 13.52 -8.92
C THR C 112 5.12 13.55 -10.29
N ILE C 113 4.52 12.43 -10.68
CA ILE C 113 3.86 12.29 -11.98
C ILE C 113 2.35 12.13 -11.83
N THR C 114 1.61 12.23 -12.94
CA THR C 114 0.16 12.05 -12.95
C THR C 114 -0.31 10.93 -13.89
N GLY C 115 0.62 10.28 -14.58
CA GLY C 115 0.26 9.17 -15.44
C GLY C 115 1.29 8.92 -16.50
N HIS C 116 1.02 7.98 -17.40
CA HIS C 116 1.95 7.75 -18.50
C HIS C 116 1.18 7.67 -19.78
N VAL C 117 1.90 7.82 -20.89
CA VAL C 117 1.28 7.70 -22.19
C VAL C 117 1.95 6.56 -22.94
N GLU C 118 1.27 6.00 -23.93
CA GLU C 118 1.84 4.96 -24.77
C GLU C 118 1.87 5.44 -26.22
N LEU C 119 2.94 5.11 -26.94
CA LEU C 119 3.18 5.69 -28.25
C LEU C 119 2.87 4.70 -29.37
N PRO C 120 2.44 5.23 -30.53
CA PRO C 120 2.15 4.39 -31.69
C PRO C 120 3.35 3.53 -32.03
N GLN C 121 3.11 2.27 -32.34
CA GLN C 121 4.18 1.40 -32.79
C GLN C 121 4.63 1.88 -34.16
N ASP C 122 5.32 3.02 -34.16
CA ASP C 122 5.59 3.75 -35.38
C ASP C 122 6.78 4.67 -35.19
N GLU C 123 7.82 4.43 -35.95
CA GLU C 123 9.09 5.09 -35.75
C GLU C 123 9.04 6.56 -36.12
N ALA C 124 8.24 6.90 -37.12
CA ALA C 124 8.06 8.30 -37.53
C ALA C 124 7.37 9.10 -36.43
N GLN C 125 6.31 8.49 -35.90
CA GLN C 125 5.49 9.12 -34.87
C GLN C 125 6.16 9.09 -33.50
N ILE C 126 6.90 8.02 -33.23
CA ILE C 126 7.71 7.95 -32.03
C ILE C 126 8.77 9.06 -32.04
N ALA C 127 9.45 9.21 -33.19
CA ALA C 127 10.49 10.22 -33.34
C ALA C 127 9.92 11.62 -33.12
N ALA C 128 8.86 11.93 -33.85
CA ALA C 128 8.19 13.22 -33.72
C ALA C 128 7.84 13.53 -32.27
N TRP C 129 7.19 12.55 -31.63
CA TRP C 129 6.79 12.74 -30.24
C TRP C 129 7.99 13.04 -29.39
N LEU C 130 9.04 12.23 -29.48
CA LEU C 130 10.22 12.42 -28.64
C LEU C 130 10.87 13.79 -28.85
N ALA C 131 10.90 14.22 -30.11
CA ALA C 131 11.43 15.54 -30.49
C ALA C 131 10.69 16.64 -29.77
N VAL C 132 9.39 16.46 -29.58
CA VAL C 132 8.62 17.54 -28.97
C VAL C 132 8.49 17.38 -27.44
N ASN C 133 8.44 16.15 -26.94
CA ASN C 133 8.21 15.91 -25.52
C ASN C 133 9.36 15.23 -24.76
N GLY C 134 10.44 14.87 -25.45
CA GLY C 134 11.58 14.31 -24.74
C GLY C 134 11.78 12.80 -24.83
N PRO C 135 12.60 12.25 -23.94
CA PRO C 135 13.00 10.84 -23.88
C PRO C 135 11.88 9.86 -23.56
N VAL C 136 11.98 8.68 -24.17
CA VAL C 136 10.90 7.70 -24.19
C VAL C 136 11.41 6.37 -23.69
N ALA C 137 10.71 5.76 -22.76
CA ALA C 137 11.07 4.42 -22.35
C ALA C 137 10.61 3.46 -23.46
N VAL C 138 11.47 2.52 -23.83
CA VAL C 138 11.14 1.53 -24.87
C VAL C 138 11.59 0.12 -24.50
N ALA C 139 10.80 -0.87 -24.90
CA ALA C 139 11.19 -2.25 -24.73
C ALA C 139 11.89 -2.68 -26.00
N VAL C 140 12.91 -3.50 -25.84
CA VAL C 140 13.73 -3.91 -26.95
C VAL C 140 14.04 -5.39 -26.86
N ASP C 141 14.38 -5.95 -28.00
CA ASP C 141 15.09 -7.22 -28.04
C ASP C 141 16.58 -6.88 -28.02
N ALA C 142 17.18 -6.98 -26.83
CA ALA C 142 18.61 -6.71 -26.65
C ALA C 142 19.43 -7.99 -26.59
N SER C 143 19.07 -8.96 -27.41
CA SER C 143 19.84 -10.19 -27.51
C SER C 143 21.21 -9.91 -28.12
N SER C 144 21.22 -9.07 -29.15
CA SER C 144 22.42 -8.80 -29.94
C SER C 144 23.38 -7.87 -29.22
N TRP C 145 23.03 -7.48 -28.00
CA TRP C 145 23.69 -6.35 -27.35
C TRP C 145 24.83 -6.71 -26.43
N MET C 146 24.97 -7.99 -26.09
CA MET C 146 25.98 -8.38 -25.13
C MET C 146 27.35 -8.14 -25.71
N THR C 147 27.43 -8.34 -27.01
CA THR C 147 28.65 -8.24 -27.76
C THR C 147 28.83 -6.85 -28.39
N TYR C 148 27.96 -5.91 -28.01
CA TYR C 148 27.94 -4.58 -28.63
C TYR C 148 29.21 -3.82 -28.38
N THR C 149 29.67 -3.22 -29.46
CA THR C 149 30.98 -2.60 -29.56
C THR C 149 30.83 -1.10 -29.56
N GLY C 150 30.18 -0.62 -30.62
CA GLY C 150 29.96 0.78 -30.83
C GLY C 150 29.50 0.97 -32.26
N GLY C 151 29.33 2.23 -32.67
CA GLY C 151 28.85 2.53 -34.00
C GLY C 151 27.36 2.26 -34.08
N VAL C 152 26.82 2.25 -35.30
CA VAL C 152 25.41 1.97 -35.47
C VAL C 152 25.25 0.54 -35.94
N MET C 153 24.83 -0.32 -35.04
CA MET C 153 24.54 -1.68 -35.43
C MET C 153 23.15 -1.75 -36.02
N THR C 154 23.08 -2.42 -37.16
CA THR C 154 21.86 -2.47 -37.93
C THR C 154 21.45 -3.90 -38.20
N SER C 155 22.00 -4.85 -37.48
CA SER C 155 21.63 -6.23 -37.74
C SER C 155 21.41 -6.92 -36.43
N CYS C 156 20.17 -6.91 -35.97
CA CYS C 156 19.80 -7.32 -34.63
C CYS C 156 18.91 -8.55 -34.63
N VAL C 157 18.91 -9.29 -33.51
CA VAL C 157 17.91 -10.31 -33.26
C VAL C 157 16.63 -9.62 -32.88
N SER C 158 15.59 -9.78 -33.70
CA SER C 158 14.29 -9.16 -33.41
C SER C 158 13.20 -10.23 -33.31
N GLU C 159 12.95 -10.69 -32.09
CA GLU C 159 11.96 -11.76 -31.88
C GLU C 159 11.22 -11.58 -30.55
N GLN C 160 11.97 -11.34 -29.47
CA GLN C 160 11.39 -11.33 -28.13
C GLN C 160 11.85 -10.15 -27.27
N LEU C 161 10.92 -9.26 -26.92
CA LEU C 161 11.19 -8.16 -25.99
C LEU C 161 11.69 -8.68 -24.66
N ASP C 162 12.93 -8.35 -24.32
CA ASP C 162 13.58 -8.90 -23.13
C ASP C 162 14.33 -7.84 -22.34
N HIS C 163 14.32 -6.61 -22.85
CA HIS C 163 15.01 -5.52 -22.17
C HIS C 163 14.16 -4.23 -22.21
N GLY C 164 14.48 -3.30 -21.31
CA GLY C 164 13.82 -2.02 -21.24
C GLY C 164 14.82 -0.89 -21.09
N VAL C 165 14.93 -0.05 -22.13
CA VAL C 165 15.90 1.06 -22.18
C VAL C 165 15.25 2.44 -22.39
N LEU C 166 16.07 3.45 -22.70
CA LEU C 166 15.56 4.82 -22.92
C LEU C 166 15.98 5.50 -24.24
N LEU C 167 15.06 5.62 -25.19
CA LEU C 167 15.27 6.49 -26.37
C LEU C 167 15.50 7.95 -25.96
N VAL C 168 16.69 8.47 -26.23
CA VAL C 168 16.99 9.83 -25.84
C VAL C 168 17.20 10.77 -27.03
N GLY C 169 17.13 10.23 -28.25
CA GLY C 169 17.27 11.04 -29.45
C GLY C 169 17.45 10.23 -30.72
N TYR C 170 17.77 10.91 -31.82
CA TYR C 170 17.90 10.27 -33.15
C TYR C 170 18.60 11.17 -34.16
N ASN C 171 19.04 10.58 -35.27
CA ASN C 171 19.64 11.34 -36.38
C ASN C 171 19.20 10.89 -37.77
N ASP C 172 18.11 11.46 -38.27
CA ASP C 172 17.60 11.14 -39.61
C ASP C 172 18.56 11.54 -40.72
N SER C 173 19.52 12.38 -40.41
CA SER C 173 20.38 12.94 -41.46
C SER C 173 21.52 12.03 -41.86
N ALA C 174 21.96 11.22 -40.91
CA ALA C 174 23.14 10.42 -41.09
C ALA C 174 22.95 9.46 -42.25
N ALA C 175 24.06 9.00 -42.83
CA ALA C 175 24.04 8.02 -43.91
C ALA C 175 23.14 6.87 -43.53
N VAL C 176 23.34 6.37 -42.33
CA VAL C 176 22.49 5.35 -41.74
C VAL C 176 21.76 5.92 -40.55
N PRO C 177 20.49 6.34 -40.73
CA PRO C 177 19.65 6.93 -39.68
C PRO C 177 19.61 6.05 -38.44
N TYR C 178 19.61 6.67 -37.26
CA TYR C 178 19.79 5.87 -36.06
C TYR C 178 19.04 6.38 -34.84
N TRP C 179 19.00 5.52 -33.84
CA TRP C 179 18.48 5.85 -32.54
C TRP C 179 19.61 6.09 -31.55
N ILE C 180 19.49 7.14 -30.75
CA ILE C 180 20.35 7.28 -29.58
C ILE C 180 19.63 6.65 -28.39
N ILE C 181 20.30 5.69 -27.74
CA ILE C 181 19.67 4.91 -26.65
C ILE C 181 20.49 4.80 -25.38
N LYS C 182 19.86 5.11 -24.25
CA LYS C 182 20.44 4.96 -22.91
C LYS C 182 20.16 3.61 -22.29
N ASN C 183 21.22 2.98 -21.77
CA ASN C 183 21.06 1.70 -21.10
C ASN C 183 21.48 1.82 -19.65
N SER C 184 21.22 0.77 -18.87
CA SER C 184 21.37 0.81 -17.41
C SER C 184 22.42 -0.17 -16.94
N TRP C 185 23.43 -0.30 -17.78
CA TRP C 185 24.58 -1.13 -17.52
C TRP C 185 25.57 -0.03 -17.15
N THR C 186 26.87 -0.17 -17.29
CA THR C 186 27.65 1.00 -16.90
C THR C 186 28.01 1.88 -18.09
N THR C 187 28.76 2.95 -17.83
CA THR C 187 29.28 3.78 -18.91
C THR C 187 30.45 3.07 -19.61
N GLN C 188 30.92 2.01 -18.98
CA GLN C 188 31.98 1.19 -19.54
C GLN C 188 31.39 0.08 -20.42
N TRP C 189 30.09 0.17 -20.68
CA TRP C 189 29.45 -0.60 -21.72
C TRP C 189 29.16 0.31 -22.93
N GLY C 190 29.25 -0.25 -24.13
CA GLY C 190 28.80 0.47 -25.32
C GLY C 190 29.44 1.83 -25.47
N GLU C 191 28.76 2.73 -26.16
CA GLU C 191 29.33 4.05 -26.37
C GLU C 191 29.07 4.96 -25.19
N GLU C 192 29.94 4.85 -24.19
CA GLU C 192 29.78 5.54 -22.92
C GLU C 192 28.46 5.20 -22.28
N GLY C 193 28.06 3.95 -22.36
CA GLY C 193 26.80 3.52 -21.78
C GLY C 193 25.63 3.67 -22.73
N TYR C 194 25.90 4.13 -23.95
CA TYR C 194 24.85 4.30 -24.95
C TYR C 194 25.02 3.40 -26.17
N ILE C 195 23.92 3.22 -26.89
CA ILE C 195 23.95 2.43 -28.09
C ILE C 195 23.16 3.09 -29.20
N ARG C 196 23.72 3.01 -30.40
CA ARG C 196 23.01 3.42 -31.59
C ARG C 196 22.62 2.18 -32.39
N ILE C 197 21.33 2.05 -32.67
CA ILE C 197 20.82 1.02 -33.56
C ILE C 197 20.18 1.72 -34.74
N ALA C 198 19.87 0.98 -35.79
CA ALA C 198 19.26 1.58 -36.97
C ALA C 198 17.85 2.06 -36.68
N LYS C 199 17.38 3.04 -37.46
CA LYS C 199 16.02 3.56 -37.37
C LYS C 199 15.31 3.43 -38.70
N GLY C 200 14.01 3.11 -38.66
CA GLY C 200 13.20 3.06 -39.86
C GLY C 200 12.89 1.64 -40.31
N SER C 201 13.34 0.66 -39.54
CA SER C 201 13.16 -0.75 -39.89
C SER C 201 12.83 -1.62 -38.67
N ASN C 202 12.56 -0.97 -37.55
CA ASN C 202 12.13 -1.59 -36.29
C ASN C 202 13.19 -2.56 -35.82
N GLN C 203 14.33 -1.92 -35.59
CA GLN C 203 15.51 -2.61 -35.22
C GLN C 203 15.35 -3.00 -33.72
N CYS C 204 15.53 -4.28 -33.40
CA CYS C 204 15.24 -4.79 -32.05
C CYS C 204 13.82 -4.52 -31.57
N LEU C 205 12.88 -4.43 -32.52
CA LEU C 205 11.47 -4.19 -32.24
C LEU C 205 11.33 -3.02 -31.30
N VAL C 206 12.05 -1.95 -31.63
CA VAL C 206 12.11 -0.78 -30.77
C VAL C 206 10.77 -0.05 -30.70
N LYS C 207 9.89 -0.28 -31.68
CA LYS C 207 8.65 0.49 -31.79
C LYS C 207 7.44 -0.18 -31.13
N GLU C 208 7.59 -1.44 -30.78
CA GLU C 208 6.45 -2.21 -30.30
C GLU C 208 5.93 -1.70 -28.97
N GLU C 209 6.81 -1.68 -27.98
CA GLU C 209 6.48 -1.27 -26.63
C GLU C 209 7.25 0.01 -26.41
N ALA C 210 6.53 1.11 -26.20
CA ALA C 210 7.10 2.45 -26.23
C ALA C 210 6.23 3.45 -25.47
N SER C 211 6.70 3.93 -24.32
CA SER C 211 5.86 4.82 -23.52
C SER C 211 6.67 5.91 -22.84
N SER C 212 5.98 6.85 -22.22
CA SER C 212 6.64 7.78 -21.31
C SER C 212 5.69 8.25 -20.22
N ALA C 213 6.28 8.81 -19.17
CA ALA C 213 5.49 9.35 -18.06
C ALA C 213 4.91 10.71 -18.41
N VAL C 214 4.06 11.20 -17.53
CA VAL C 214 3.48 12.53 -17.63
C VAL C 214 3.59 13.22 -16.29
N VAL C 215 4.57 14.11 -16.13
CA VAL C 215 4.72 14.86 -14.88
C VAL C 215 3.70 15.99 -14.79
N GLY C 216 3.02 16.09 -13.66
CA GLY C 216 2.00 17.10 -13.46
C GLY C 216 0.75 16.84 -14.29
#